data_4HWV
#
_entry.id   4HWV
#
_cell.length_a   69.676
_cell.length_b   71.872
_cell.length_c   90.953
_cell.angle_alpha   90.00
_cell.angle_beta   92.71
_cell.angle_gamma   90.00
#
_symmetry.space_group_name_H-M   'P 1 21 1'
#
loop_
_entity.id
_entity.type
_entity.pdbx_description
1 polymer 'Pectate lyase/Amb allergen'
2 non-polymer 'CALCIUM ION'
3 water water
#
_entity_poly.entity_id   1
_entity_poly.type   'polypeptide(L)'
_entity_poly.pdbx_seq_one_letter_code
;MDIGINSDPNSAAPAGSIDSLGATGWASHGTPTTGGQGAAAERTYTVANRNELIQALYGNTAVIAPDGSVQGTPDKAPKV
IRIRGTIDLNVDGQLRPYTPDRYVAGSCASSVHGYASQASLWSDYLAAYRPGAWGNARTVSGKPEDARACAAELQRRVVT
ISVPDNTSLLGIGTDAKILHGNLMLGTPDAPVANIVIRNITFEDAFDDFPQWDPTDSSDGRWNSEYDLISVAHASHVWID
HNTFSDGDRHDHAFPSVWHETVHGTDYSGGDFKVQHHDGLVDVTRHGNYVTLSNNHFHDHDKAFLIGGTDVPGADSGNPR
MLKVTFHGNHFQNLRQRQARVRYGMVHLYNNYYENTRDASADYPWLAGMTLGQSGKVHAENNVVSLAGPDRPARPADVAN
ARISAARTQDCAALFSASECASTFYDSGTVLNGGPADLTAAVRWSSALAAAPAWKPSDFYDYTLEDTADLAARITARAGA
GKLEGPAEPRKLAAALEHHHHHH
;
_entity_poly.pdbx_strand_id   A,B
#
# COMPACT_ATOMS: atom_id res chain seq x y z
N MET A 1 -29.33 -19.85 1.08
CA MET A 1 -28.74 -20.37 2.31
CA MET A 1 -28.76 -20.37 2.31
C MET A 1 -28.62 -19.23 3.30
N ASP A 2 -28.09 -19.50 4.48
CA ASP A 2 -27.99 -18.45 5.51
C ASP A 2 -26.83 -18.72 6.45
N ILE A 3 -25.74 -17.97 6.29
CA ILE A 3 -24.58 -18.13 7.14
C ILE A 3 -24.69 -17.12 8.27
N GLY A 4 -25.02 -17.58 9.47
CA GLY A 4 -25.23 -16.68 10.59
C GLY A 4 -24.00 -15.86 10.90
N ILE A 5 -24.20 -14.62 11.29
CA ILE A 5 -23.08 -13.71 11.46
C ILE A 5 -22.14 -14.12 12.59
N ASN A 6 -22.66 -14.86 13.57
CA ASN A 6 -21.86 -15.33 14.69
C ASN A 6 -21.56 -16.82 14.60
N SER A 7 -21.68 -17.38 13.39
CA SER A 7 -21.40 -18.80 13.18
C SER A 7 -19.89 -19.14 13.21
N ASP A 8 -19.60 -20.42 13.39
CA ASP A 8 -18.23 -20.95 13.39
C ASP A 8 -17.61 -20.70 12.03
N PRO A 9 -16.48 -19.99 12.00
CA PRO A 9 -15.77 -19.76 10.74
C PRO A 9 -15.48 -21.04 9.95
N ASN A 10 -15.32 -22.17 10.64
CA ASN A 10 -15.01 -23.42 9.96
C ASN A 10 -16.20 -23.99 9.20
N SER A 11 -17.39 -23.44 9.44
CA SER A 11 -18.59 -23.90 8.74
C SER A 11 -18.91 -23.01 7.53
N ALA A 12 -17.95 -22.19 7.11
CA ALA A 12 -18.16 -21.33 5.95
C ALA A 12 -18.49 -22.16 4.71
N ALA A 13 -19.20 -21.55 3.77
CA ALA A 13 -19.63 -22.24 2.57
C ALA A 13 -18.44 -22.62 1.67
N PRO A 14 -18.56 -23.71 0.92
CA PRO A 14 -17.53 -24.05 -0.06
C PRO A 14 -17.31 -22.89 -1.03
N ALA A 15 -16.07 -22.68 -1.43
CA ALA A 15 -15.74 -21.63 -2.39
C ALA A 15 -16.59 -21.75 -3.65
N GLY A 16 -17.09 -20.63 -4.13
CA GLY A 16 -17.88 -20.61 -5.35
C GLY A 16 -19.34 -20.99 -5.19
N SER A 17 -19.83 -21.06 -3.96
CA SER A 17 -21.19 -21.54 -3.74
C SER A 17 -22.14 -20.56 -3.05
N ILE A 18 -21.66 -19.46 -2.46
CA ILE A 18 -22.58 -18.56 -1.78
C ILE A 18 -23.67 -18.03 -2.73
N ASP A 19 -24.84 -17.76 -2.18
CA ASP A 19 -25.93 -17.19 -2.98
C ASP A 19 -26.17 -15.72 -2.64
N SER A 20 -27.35 -15.22 -2.98
CA SER A 20 -27.60 -13.78 -2.95
C SER A 20 -28.66 -13.39 -1.95
N LEU A 21 -29.10 -14.34 -1.12
CA LEU A 21 -30.17 -14.07 -0.15
C LEU A 21 -29.62 -13.58 1.19
N GLY A 22 -30.44 -12.77 1.85
CA GLY A 22 -30.11 -12.31 3.20
C GLY A 22 -30.23 -10.82 3.41
N ALA A 23 -30.61 -10.07 2.38
CA ALA A 23 -30.73 -8.63 2.53
C ALA A 23 -31.61 -8.24 3.70
N THR A 24 -31.15 -7.25 4.44
CA THR A 24 -31.83 -6.70 5.60
C THR A 24 -31.95 -5.19 5.41
N GLY A 25 -32.56 -4.49 6.37
CA GLY A 25 -32.63 -3.04 6.32
C GLY A 25 -33.41 -2.50 5.12
N TRP A 26 -33.08 -1.30 4.68
CA TRP A 26 -33.89 -0.69 3.64
C TRP A 26 -33.90 -1.51 2.34
N ALA A 27 -32.83 -2.24 2.04
CA ALA A 27 -32.79 -3.09 0.85
C ALA A 27 -33.83 -4.22 0.90
N SER A 28 -34.35 -4.52 2.09
CA SER A 28 -35.36 -5.57 2.24
C SER A 28 -36.79 -5.03 2.21
N HIS A 29 -36.95 -3.71 2.13
CA HIS A 29 -38.26 -3.11 2.19
C HIS A 29 -38.89 -3.04 0.81
N GLY A 30 -40.19 -3.29 0.69
CA GLY A 30 -40.83 -3.33 -0.61
C GLY A 30 -40.50 -4.63 -1.32
N THR A 31 -40.21 -4.56 -2.62
CA THR A 31 -39.77 -5.75 -3.35
C THR A 31 -38.36 -6.11 -2.86
N PRO A 32 -38.20 -7.24 -2.17
CA PRO A 32 -36.93 -7.51 -1.50
C PRO A 32 -35.79 -7.66 -2.50
N THR A 33 -34.59 -7.24 -2.11
CA THR A 33 -33.42 -7.35 -2.98
C THR A 33 -32.97 -8.80 -3.06
N THR A 34 -32.82 -9.31 -4.28
CA THR A 34 -32.33 -10.67 -4.53
C THR A 34 -31.19 -10.72 -5.56
N GLY A 35 -30.86 -9.58 -6.18
CA GLY A 35 -29.83 -9.59 -7.21
C GLY A 35 -30.17 -10.56 -8.32
N GLY A 36 -29.22 -11.42 -8.66
CA GLY A 36 -29.43 -12.41 -9.70
C GLY A 36 -29.86 -13.78 -9.19
N GLN A 37 -30.36 -13.86 -7.95
CA GLN A 37 -30.82 -15.15 -7.44
C GLN A 37 -31.77 -15.82 -8.44
N GLY A 38 -31.55 -17.10 -8.71
CA GLY A 38 -32.39 -17.83 -9.65
C GLY A 38 -32.02 -17.66 -11.13
N ALA A 39 -30.92 -16.95 -11.39
CA ALA A 39 -30.42 -16.77 -12.76
C ALA A 39 -30.36 -18.07 -13.54
N ALA A 40 -30.63 -17.96 -14.83
CA ALA A 40 -30.44 -19.07 -15.74
C ALA A 40 -28.96 -19.48 -15.76
N ALA A 41 -28.71 -20.73 -16.11
CA ALA A 41 -27.35 -21.22 -16.26
C ALA A 41 -26.58 -20.37 -17.27
N GLU A 42 -27.24 -19.91 -18.33
CA GLU A 42 -26.53 -19.14 -19.34
C GLU A 42 -26.21 -17.73 -18.91
N ARG A 43 -26.73 -17.33 -17.75
CA ARG A 43 -26.37 -16.05 -17.15
C ARG A 43 -25.69 -16.26 -15.80
N THR A 44 -24.97 -17.38 -15.67
CA THR A 44 -24.13 -17.66 -14.52
C THR A 44 -22.70 -17.76 -15.03
N TYR A 45 -21.83 -16.91 -14.51
CA TYR A 45 -20.49 -16.76 -15.07
C TYR A 45 -19.43 -16.73 -13.98
N THR A 46 -18.23 -17.19 -14.33
CA THR A 46 -17.04 -16.99 -13.48
C THR A 46 -16.07 -16.13 -14.29
N VAL A 47 -15.68 -14.98 -13.72
CA VAL A 47 -14.87 -14.02 -14.46
C VAL A 47 -13.57 -13.69 -13.71
N ALA A 48 -12.51 -13.42 -14.47
CA ALA A 48 -11.17 -13.27 -13.91
C ALA A 48 -10.43 -12.05 -14.47
N ASN A 49 -11.09 -11.25 -15.30
CA ASN A 49 -10.48 -10.04 -15.84
C ASN A 49 -11.56 -9.08 -16.29
N ARG A 50 -11.15 -7.86 -16.66
CA ARG A 50 -12.07 -6.81 -16.97
C ARG A 50 -12.96 -7.14 -18.18
N ASN A 51 -12.38 -7.76 -19.21
CA ASN A 51 -13.16 -8.12 -20.38
C ASN A 51 -14.26 -9.13 -20.05
N GLU A 52 -13.91 -10.16 -19.30
CA GLU A 52 -14.90 -11.18 -18.91
C GLU A 52 -16.00 -10.61 -18.04
N LEU A 53 -15.61 -9.73 -17.10
CA LEU A 53 -16.60 -9.08 -16.24
C LEU A 53 -17.60 -8.26 -17.09
N ILE A 54 -17.08 -7.46 -18.00
CA ILE A 54 -17.96 -6.67 -18.87
C ILE A 54 -18.86 -7.56 -19.73
N GLN A 55 -18.31 -8.63 -20.33
CA GLN A 55 -19.19 -9.49 -21.12
C GLN A 55 -20.30 -10.12 -20.27
N ALA A 56 -20.00 -10.49 -19.05
CA ALA A 56 -21.03 -11.05 -18.18
C ALA A 56 -22.12 -10.01 -17.90
N LEU A 57 -21.70 -8.78 -17.61
CA LEU A 57 -22.66 -7.71 -17.32
C LEU A 57 -23.50 -7.36 -18.55
N TYR A 58 -22.92 -7.55 -19.73
CA TYR A 58 -23.56 -7.17 -20.99
C TYR A 58 -24.14 -8.37 -21.74
N GLY A 59 -24.19 -9.54 -21.10
CA GLY A 59 -24.74 -10.73 -21.75
C GLY A 59 -24.08 -11.01 -23.09
N ASN A 60 -22.77 -10.82 -23.12
CA ASN A 60 -21.96 -11.11 -24.30
C ASN A 60 -22.29 -10.22 -25.50
N THR A 61 -22.85 -9.03 -25.24
CA THR A 61 -23.12 -8.10 -26.32
C THR A 61 -22.10 -6.95 -26.37
N ALA A 62 -21.13 -6.93 -25.46
CA ALA A 62 -20.19 -5.81 -25.42
C ALA A 62 -19.17 -5.88 -26.55
N VAL A 63 -18.82 -4.72 -27.09
CA VAL A 63 -17.65 -4.60 -27.93
C VAL A 63 -16.68 -3.74 -27.15
N ILE A 64 -15.55 -4.33 -26.77
CA ILE A 64 -14.55 -3.66 -25.96
C ILE A 64 -13.41 -3.27 -26.89
N ALA A 65 -13.23 -1.97 -27.07
CA ALA A 65 -12.27 -1.40 -27.99
C ALA A 65 -10.85 -1.62 -27.51
N PRO A 66 -9.86 -1.43 -28.41
CA PRO A 66 -8.46 -1.50 -27.96
C PRO A 66 -8.17 -0.65 -26.72
N ASP A 67 -8.77 0.53 -26.63
CA ASP A 67 -8.52 1.36 -25.46
C ASP A 67 -9.29 0.95 -24.20
N GLY A 68 -10.15 -0.06 -24.33
CA GLY A 68 -10.90 -0.54 -23.19
C GLY A 68 -12.32 0.02 -23.11
N SER A 69 -12.63 1.06 -23.87
CA SER A 69 -13.96 1.63 -23.82
C SER A 69 -14.99 0.64 -24.37
N VAL A 70 -16.23 0.78 -23.91
CA VAL A 70 -17.27 -0.23 -24.15
C VAL A 70 -18.47 0.30 -24.90
N GLN A 71 -18.93 -0.48 -25.87
CA GLN A 71 -20.23 -0.32 -26.48
C GLN A 71 -21.03 -1.58 -26.24
N GLY A 72 -22.34 -1.47 -26.20
CA GLY A 72 -23.16 -2.68 -26.16
C GLY A 72 -24.39 -2.50 -25.26
N THR A 73 -25.06 -3.61 -24.96
CA THR A 73 -26.33 -3.54 -24.23
C THR A 73 -26.20 -4.19 -22.86
N PRO A 74 -26.18 -3.40 -21.76
CA PRO A 74 -26.17 -4.01 -20.43
C PRO A 74 -27.38 -4.93 -20.31
N ASP A 75 -27.15 -6.10 -19.71
CA ASP A 75 -28.18 -7.15 -19.68
C ASP A 75 -29.03 -7.05 -18.42
N LYS A 76 -30.34 -6.81 -18.59
CA LYS A 76 -31.22 -6.65 -17.45
C LYS A 76 -31.76 -7.96 -16.86
N ALA A 77 -31.44 -9.08 -17.50
CA ALA A 77 -31.92 -10.38 -16.98
C ALA A 77 -31.12 -10.81 -15.74
N PRO A 78 -31.75 -11.59 -14.84
CA PRO A 78 -31.02 -12.07 -13.66
C PRO A 78 -29.72 -12.79 -14.04
N LYS A 79 -28.65 -12.43 -13.34
CA LYS A 79 -27.34 -12.99 -13.60
C LYS A 79 -26.55 -13.12 -12.32
N VAL A 80 -25.70 -14.14 -12.28
CA VAL A 80 -24.80 -14.39 -11.17
C VAL A 80 -23.40 -14.41 -11.72
N ILE A 81 -22.57 -13.49 -11.22
CA ILE A 81 -21.22 -13.31 -11.73
C ILE A 81 -20.27 -13.53 -10.54
N ARG A 82 -19.48 -14.61 -10.63
CA ARG A 82 -18.55 -14.96 -9.57
C ARG A 82 -17.16 -14.46 -9.94
N ILE A 83 -16.49 -13.82 -8.99
CA ILE A 83 -15.19 -13.23 -9.23
C ILE A 83 -14.09 -14.20 -8.80
N ARG A 84 -13.30 -14.67 -9.76
CA ARG A 84 -12.17 -15.56 -9.50
C ARG A 84 -10.88 -14.77 -9.47
N GLY A 85 -10.30 -14.64 -8.30
CA GLY A 85 -9.03 -13.92 -8.17
C GLY A 85 -9.19 -12.42 -8.31
N THR A 86 -8.18 -11.78 -8.89
CA THR A 86 -8.11 -10.33 -8.94
C THR A 86 -8.45 -9.79 -10.33
N ILE A 87 -9.37 -8.83 -10.36
CA ILE A 87 -9.71 -8.12 -11.59
C ILE A 87 -9.24 -6.66 -11.48
N ASP A 88 -8.28 -6.30 -12.32
CA ASP A 88 -7.78 -4.94 -12.39
C ASP A 88 -8.62 -4.20 -13.43
N LEU A 89 -9.30 -3.14 -12.99
CA LEU A 89 -10.15 -2.38 -13.89
C LEU A 89 -9.40 -1.31 -14.69
N ASN A 90 -8.17 -0.97 -14.29
CA ASN A 90 -7.41 0.09 -14.97
C ASN A 90 -6.54 -0.53 -16.06
N VAL A 91 -7.21 -1.18 -17.01
CA VAL A 91 -6.53 -1.89 -18.10
C VAL A 91 -7.25 -1.64 -19.42
N ASP A 92 -6.54 -1.81 -20.53
CA ASP A 92 -7.14 -1.59 -21.84
C ASP A 92 -7.82 -2.86 -22.35
N GLY A 93 -8.26 -2.84 -23.61
CA GLY A 93 -8.96 -3.96 -24.21
C GLY A 93 -8.13 -5.22 -24.38
N GLN A 94 -6.82 -5.09 -24.20
CA GLN A 94 -5.88 -6.22 -24.26
C GLN A 94 -5.43 -6.60 -22.85
N LEU A 95 -6.06 -6.00 -21.83
CA LEU A 95 -5.72 -6.23 -20.42
C LEU A 95 -4.36 -5.67 -20.06
N ARG A 96 -3.83 -4.76 -20.87
CA ARG A 96 -2.57 -4.10 -20.50
C ARG A 96 -2.85 -2.99 -19.50
N PRO A 97 -2.16 -3.02 -18.33
CA PRO A 97 -2.33 -1.94 -17.34
C PRO A 97 -2.07 -0.56 -17.94
N TYR A 98 -3.00 0.34 -17.69
CA TYR A 98 -2.81 1.73 -18.12
C TYR A 98 -1.74 2.42 -17.28
N THR A 99 -1.19 3.49 -17.86
CA THR A 99 -0.34 4.42 -17.13
C THR A 99 -0.85 5.81 -17.46
N PRO A 100 -0.48 6.81 -16.65
CA PRO A 100 -0.92 8.16 -17.01
C PRO A 100 -0.38 8.59 -18.39
N ASP A 101 0.84 8.17 -18.72
CA ASP A 101 1.34 8.49 -20.06
C ASP A 101 0.54 7.88 -21.18
N ARG A 102 0.03 6.67 -20.98
CA ARG A 102 -0.86 6.06 -21.96
CA ARG A 102 -0.83 6.13 -22.01
C ARG A 102 -2.14 6.90 -22.13
N TYR A 103 -2.72 7.31 -21.00
CA TYR A 103 -3.95 8.10 -21.08
C TYR A 103 -3.72 9.42 -21.82
N VAL A 104 -2.57 10.05 -21.58
CA VAL A 104 -2.24 11.28 -22.30
C VAL A 104 -2.03 11.01 -23.80
N ALA A 105 -1.25 9.97 -24.11
CA ALA A 105 -0.90 9.65 -25.50
C ALA A 105 -2.11 9.18 -26.30
N GLY A 106 -3.07 8.55 -25.65
CA GLY A 106 -4.17 7.89 -26.34
C GLY A 106 -5.47 8.69 -26.28
N SER A 107 -5.37 9.94 -25.86
CA SER A 107 -6.51 10.83 -25.76
C SER A 107 -6.18 12.16 -26.41
N CYS A 108 -7.15 13.06 -26.41
CA CYS A 108 -6.96 14.37 -27.01
C CYS A 108 -5.94 15.25 -26.28
N ALA A 109 -5.50 14.83 -25.10
CA ALA A 109 -4.37 15.50 -24.43
C ALA A 109 -3.18 15.60 -25.37
N SER A 110 -2.96 14.55 -26.15
N SER A 110 -2.95 14.52 -26.13
CA SER A 110 -1.91 14.55 -27.17
CA SER A 110 -1.94 14.49 -27.17
C SER A 110 -2.40 14.91 -28.57
C SER A 110 -2.47 14.97 -28.52
N SER A 111 -3.51 14.28 -29.01
CA SER A 111 -3.96 14.47 -30.39
C SER A 111 -4.48 15.87 -30.69
N VAL A 112 -5.00 16.56 -29.68
CA VAL A 112 -5.46 17.92 -29.87
C VAL A 112 -4.47 18.91 -29.22
N HIS A 113 -4.09 18.65 -27.97
CA HIS A 113 -3.33 19.64 -27.21
C HIS A 113 -1.82 19.47 -27.26
N GLY A 114 -1.36 18.40 -27.90
CA GLY A 114 0.05 18.26 -28.22
C GLY A 114 0.97 17.83 -27.10
N TYR A 115 0.42 17.40 -25.97
CA TYR A 115 1.28 16.95 -24.86
C TYR A 115 1.97 15.63 -25.17
N ALA A 116 3.30 15.64 -25.04
CA ALA A 116 4.12 14.48 -25.40
C ALA A 116 4.37 13.57 -24.19
N SER A 117 3.97 14.01 -23.01
CA SER A 117 4.13 13.23 -21.79
C SER A 117 3.22 13.73 -20.70
N GLN A 118 2.92 12.85 -19.76
CA GLN A 118 2.28 13.24 -18.52
C GLN A 118 3.15 14.27 -17.77
N ALA A 119 4.46 14.07 -17.78
CA ALA A 119 5.35 14.99 -17.07
C ALA A 119 5.17 16.42 -17.58
N SER A 120 5.09 16.57 -18.90
CA SER A 120 4.91 17.88 -19.49
C SER A 120 3.55 18.49 -19.13
N LEU A 121 2.49 17.69 -19.21
CA LEU A 121 1.16 18.16 -18.85
C LEU A 121 1.14 18.60 -17.40
N TRP A 122 1.65 17.76 -16.51
CA TRP A 122 1.61 18.06 -15.09
C TRP A 122 2.43 19.31 -14.78
N SER A 123 3.62 19.43 -15.36
CA SER A 123 4.42 20.64 -15.17
C SER A 123 3.64 21.88 -15.60
N ASP A 124 3.05 21.83 -16.80
CA ASP A 124 2.26 22.97 -17.30
C ASP A 124 1.04 23.26 -16.42
N TYR A 125 0.41 22.20 -15.93
CA TYR A 125 -0.79 22.33 -15.11
C TYR A 125 -0.47 23.06 -13.80
N LEU A 126 0.60 22.63 -13.12
CA LEU A 126 1.00 23.28 -11.88
C LEU A 126 1.41 24.73 -12.14
N ALA A 127 2.13 24.98 -13.24
CA ALA A 127 2.58 26.33 -13.54
C ALA A 127 1.39 27.26 -13.83
N ALA A 128 0.38 26.74 -14.51
CA ALA A 128 -0.78 27.55 -14.91
C ALA A 128 -1.72 27.83 -13.76
N TYR A 129 -1.92 26.83 -12.89
CA TYR A 129 -3.07 26.86 -11.99
C TYR A 129 -2.72 27.00 -10.50
N ARG A 130 -1.44 27.03 -10.16
CA ARG A 130 -1.04 27.30 -8.78
C ARG A 130 -1.69 28.61 -8.30
N PRO A 131 -2.03 28.69 -7.02
CA PRO A 131 -2.74 29.90 -6.54
C PRO A 131 -2.00 31.21 -6.84
N GLY A 132 -0.68 31.21 -6.77
CA GLY A 132 0.10 32.41 -7.07
C GLY A 132 0.01 32.87 -8.52
N ALA A 133 -0.39 31.99 -9.42
CA ALA A 133 -0.51 32.32 -10.83
C ALA A 133 -1.97 32.54 -11.23
N TRP A 134 -2.87 31.69 -10.74
CA TRP A 134 -4.25 31.71 -11.23
C TRP A 134 -5.19 32.45 -10.29
N GLY A 135 -4.82 32.53 -9.02
CA GLY A 135 -5.71 33.01 -7.99
C GLY A 135 -6.83 32.04 -7.69
N ASN A 136 -7.85 32.53 -7.00
CA ASN A 136 -8.93 31.70 -6.50
C ASN A 136 -10.31 32.24 -6.88
N ALA A 137 -10.33 33.17 -7.82
CA ALA A 137 -11.56 33.85 -8.18
C ALA A 137 -12.35 33.17 -9.27
N ARG A 138 -11.77 32.16 -9.92
CA ARG A 138 -12.49 31.43 -10.94
C ARG A 138 -11.95 30.03 -11.06
N THR A 139 -12.78 29.15 -11.61
CA THR A 139 -12.41 27.78 -11.90
C THR A 139 -11.33 27.76 -12.99
N VAL A 140 -10.62 26.63 -13.11
CA VAL A 140 -9.57 26.57 -14.11
C VAL A 140 -10.14 26.37 -15.51
N SER A 141 -9.41 26.88 -16.49
CA SER A 141 -9.78 26.74 -17.89
C SER A 141 -8.53 26.87 -18.74
N GLY A 142 -8.62 26.57 -20.03
CA GLY A 142 -7.47 26.70 -20.90
C GLY A 142 -6.81 25.37 -21.19
N LYS A 143 -5.70 25.47 -21.91
CA LYS A 143 -5.07 24.31 -22.52
C LYS A 143 -4.66 23.18 -21.56
N PRO A 144 -3.92 23.48 -20.46
CA PRO A 144 -3.55 22.31 -19.63
C PRO A 144 -4.77 21.66 -18.97
N GLU A 145 -5.78 22.44 -18.60
CA GLU A 145 -6.99 21.87 -18.04
C GLU A 145 -7.77 21.05 -19.07
N ASP A 146 -7.88 21.57 -20.29
CA ASP A 146 -8.56 20.82 -21.34
C ASP A 146 -7.80 19.52 -21.66
N ALA A 147 -6.48 19.58 -21.61
CA ALA A 147 -5.70 18.37 -21.84
C ALA A 147 -5.89 17.36 -20.70
N ARG A 148 -5.85 17.84 -19.45
CA ARG A 148 -6.15 16.98 -18.32
C ARG A 148 -7.53 16.34 -18.48
N ALA A 149 -8.52 17.17 -18.84
CA ALA A 149 -9.88 16.65 -18.98
C ALA A 149 -9.97 15.56 -20.04
N CYS A 150 -9.21 15.70 -21.14
CA CYS A 150 -9.14 14.66 -22.18
C CYS A 150 -8.65 13.34 -21.60
N ALA A 151 -7.56 13.40 -20.84
CA ALA A 151 -6.98 12.19 -20.29
C ALA A 151 -7.91 11.58 -19.25
N ALA A 152 -8.51 12.42 -18.42
CA ALA A 152 -9.41 11.96 -17.37
C ALA A 152 -10.66 11.32 -17.96
N GLU A 153 -11.13 11.87 -19.07
CA GLU A 153 -12.32 11.33 -19.72
C GLU A 153 -12.09 9.92 -20.24
N LEU A 154 -10.91 9.66 -20.81
CA LEU A 154 -10.57 8.30 -21.24
C LEU A 154 -10.45 7.39 -20.02
N GLN A 155 -9.79 7.82 -18.95
CA GLN A 155 -9.74 6.98 -17.76
C GLN A 155 -11.13 6.68 -17.21
N ARG A 156 -12.01 7.67 -17.19
CA ARG A 156 -13.38 7.47 -16.74
C ARG A 156 -14.05 6.34 -17.52
N ARG A 157 -13.88 6.36 -18.84
CA ARG A 157 -14.51 5.38 -19.70
C ARG A 157 -13.89 3.97 -19.59
N VAL A 158 -12.70 3.88 -19.00
CA VAL A 158 -12.07 2.61 -18.75
C VAL A 158 -12.45 2.07 -17.37
N VAL A 159 -12.30 2.89 -16.33
CA VAL A 159 -12.38 2.37 -14.98
C VAL A 159 -13.81 2.28 -14.44
N THR A 160 -14.75 2.97 -15.11
CA THR A 160 -16.15 2.94 -14.70
CA THR A 160 -16.14 2.91 -14.66
C THR A 160 -16.88 1.79 -15.39
N ILE A 161 -17.55 0.94 -14.61
CA ILE A 161 -18.18 -0.27 -15.12
C ILE A 161 -19.68 -0.23 -14.80
N SER A 162 -20.50 -0.26 -15.83
CA SER A 162 -21.96 -0.18 -15.65
CA SER A 162 -21.96 -0.19 -15.65
C SER A 162 -22.54 -1.51 -15.18
N VAL A 163 -23.27 -1.48 -14.06
CA VAL A 163 -23.92 -2.69 -13.54
C VAL A 163 -25.42 -2.61 -13.76
N PRO A 164 -25.99 -3.58 -14.49
CA PRO A 164 -27.42 -3.53 -14.83
C PRO A 164 -28.31 -4.21 -13.78
N ASP A 165 -29.62 -4.21 -14.03
CA ASP A 165 -30.61 -4.80 -13.13
C ASP A 165 -30.32 -6.27 -12.85
N ASN A 166 -30.77 -6.70 -11.67
CA ASN A 166 -30.84 -8.13 -11.37
C ASN A 166 -29.48 -8.80 -11.47
N THR A 167 -28.50 -8.18 -10.83
CA THR A 167 -27.13 -8.66 -10.89
C THR A 167 -26.61 -9.00 -9.53
N SER A 168 -26.00 -10.18 -9.42
CA SER A 168 -25.17 -10.51 -8.27
C SER A 168 -23.70 -10.60 -8.66
N LEU A 169 -22.85 -9.91 -7.90
CA LEU A 169 -21.41 -10.03 -8.01
C LEU A 169 -20.95 -10.70 -6.73
N LEU A 170 -20.39 -11.91 -6.87
CA LEU A 170 -20.12 -12.75 -5.70
C LEU A 170 -18.67 -13.21 -5.77
N GLY A 171 -17.85 -12.74 -4.83
CA GLY A 171 -16.46 -13.20 -4.82
C GLY A 171 -16.35 -14.68 -4.53
N ILE A 172 -15.36 -15.34 -5.16
CA ILE A 172 -15.05 -16.73 -4.82
C ILE A 172 -13.95 -16.78 -3.74
N GLY A 173 -14.21 -17.53 -2.68
CA GLY A 173 -13.11 -17.84 -1.76
C GLY A 173 -12.70 -16.65 -0.90
N THR A 174 -11.41 -16.57 -0.62
CA THR A 174 -10.90 -15.59 0.32
C THR A 174 -10.06 -14.51 -0.37
N ASP A 175 -9.95 -14.57 -1.69
CA ASP A 175 -9.05 -13.66 -2.41
C ASP A 175 -9.66 -13.03 -3.66
N ALA A 176 -10.97 -12.93 -3.71
CA ALA A 176 -11.60 -12.24 -4.84
C ALA A 176 -11.38 -10.74 -4.69
N LYS A 177 -10.87 -10.10 -5.74
CA LYS A 177 -10.60 -8.66 -5.66
C LYS A 177 -11.02 -7.93 -6.92
N ILE A 178 -11.48 -6.69 -6.76
CA ILE A 178 -11.68 -5.78 -7.90
C ILE A 178 -10.92 -4.51 -7.57
N LEU A 179 -9.96 -4.17 -8.44
CA LEU A 179 -9.05 -3.03 -8.18
C LEU A 179 -9.22 -1.91 -9.17
N HIS A 180 -9.01 -0.68 -8.68
CA HIS A 180 -8.69 0.44 -9.55
C HIS A 180 -9.84 0.96 -10.39
N GLY A 181 -11.07 0.71 -9.98
CA GLY A 181 -12.20 1.28 -10.71
C GLY A 181 -13.46 1.40 -9.90
N ASN A 182 -14.54 1.64 -10.62
CA ASN A 182 -15.75 2.21 -10.05
C ASN A 182 -16.93 1.45 -10.61
N LEU A 183 -17.58 0.63 -9.79
CA LEU A 183 -18.84 0.06 -10.23
C LEU A 183 -19.90 1.15 -10.22
N MET A 184 -20.64 1.25 -11.32
CA MET A 184 -21.66 2.27 -11.44
CA MET A 184 -21.67 2.26 -11.50
C MET A 184 -23.02 1.59 -11.45
N LEU A 185 -23.78 1.79 -10.38
CA LEU A 185 -25.07 1.11 -10.26
C LEU A 185 -26.17 1.95 -10.90
N GLY A 186 -26.39 1.69 -12.18
CA GLY A 186 -27.33 2.46 -12.97
C GLY A 186 -26.68 3.69 -13.59
N THR A 187 -27.23 4.13 -14.71
CA THR A 187 -26.76 5.33 -15.40
C THR A 187 -27.98 6.22 -15.64
N PRO A 188 -27.76 7.50 -15.96
CA PRO A 188 -28.93 8.38 -16.10
C PRO A 188 -29.87 7.96 -17.19
N ASP A 189 -29.33 7.39 -18.26
CA ASP A 189 -30.16 6.94 -19.37
C ASP A 189 -30.86 5.62 -19.09
N ALA A 190 -30.38 4.87 -18.09
CA ALA A 190 -30.92 3.55 -17.79
C ALA A 190 -30.76 3.20 -16.32
N PRO A 191 -31.67 3.70 -15.48
CA PRO A 191 -31.63 3.34 -14.06
C PRO A 191 -31.93 1.87 -13.90
N VAL A 192 -31.52 1.32 -12.77
CA VAL A 192 -31.57 -0.11 -12.54
C VAL A 192 -32.13 -0.42 -11.15
N ALA A 193 -32.45 -1.67 -10.92
CA ALA A 193 -32.84 -2.13 -9.60
C ALA A 193 -32.29 -3.51 -9.35
N ASN A 194 -32.14 -3.84 -8.06
CA ASN A 194 -32.00 -5.22 -7.60
C ASN A 194 -30.58 -5.79 -7.82
N ILE A 195 -29.64 -5.34 -6.99
CA ILE A 195 -28.23 -5.68 -7.15
C ILE A 195 -27.67 -6.15 -5.81
N VAL A 196 -26.93 -7.28 -5.84
CA VAL A 196 -26.29 -7.83 -4.65
C VAL A 196 -24.79 -7.95 -4.93
N ILE A 197 -23.98 -7.49 -3.97
CA ILE A 197 -22.53 -7.53 -4.11
C ILE A 197 -21.96 -8.11 -2.82
N ARG A 198 -21.27 -9.24 -2.89
CA ARG A 198 -20.77 -9.92 -1.67
C ARG A 198 -19.39 -10.53 -1.87
N ASN A 199 -18.63 -10.59 -0.78
CA ASN A 199 -17.42 -11.38 -0.68
C ASN A 199 -16.29 -10.94 -1.61
N ILE A 200 -16.20 -9.64 -1.89
CA ILE A 200 -15.16 -9.10 -2.76
C ILE A 200 -14.34 -8.09 -1.96
N THR A 201 -13.03 -8.10 -2.20
CA THR A 201 -12.17 -7.04 -1.67
C THR A 201 -11.95 -6.00 -2.77
N PHE A 202 -12.44 -4.78 -2.53
CA PHE A 202 -12.35 -3.66 -3.46
C PHE A 202 -11.20 -2.77 -3.00
N GLU A 203 -10.30 -2.40 -3.91
CA GLU A 203 -9.19 -1.52 -3.54
C GLU A 203 -8.96 -0.40 -4.52
N ASP A 204 -8.80 0.81 -3.98
CA ASP A 204 -8.00 1.86 -4.60
C ASP A 204 -8.57 2.33 -5.95
N ALA A 205 -9.73 2.98 -5.88
CA ALA A 205 -10.32 3.63 -7.06
C ALA A 205 -9.55 4.93 -7.26
N PHE A 206 -8.50 4.87 -8.06
CA PHE A 206 -7.48 5.92 -8.12
C PHE A 206 -7.66 6.73 -9.40
N ASP A 207 -7.71 8.05 -9.24
CA ASP A 207 -7.85 8.97 -10.35
C ASP A 207 -6.48 9.53 -10.65
N ASP A 208 -5.95 9.21 -11.83
CA ASP A 208 -4.65 9.71 -12.24
C ASP A 208 -4.63 11.16 -12.69
N PHE A 209 -5.82 11.77 -12.78
CA PHE A 209 -5.96 13.13 -13.29
C PHE A 209 -6.85 13.98 -12.40
N PRO A 210 -6.49 14.13 -11.11
CA PRO A 210 -7.28 14.99 -10.24
C PRO A 210 -7.28 16.43 -10.75
N GLN A 211 -8.36 17.15 -10.48
CA GLN A 211 -8.51 18.51 -10.93
C GLN A 211 -8.28 19.43 -9.76
N TRP A 212 -7.53 20.51 -10.01
CA TRP A 212 -7.44 21.56 -9.01
C TRP A 212 -8.62 22.52 -9.19
N ASP A 213 -9.43 22.69 -8.16
CA ASP A 213 -10.53 23.64 -8.22
C ASP A 213 -10.18 24.78 -7.28
N PRO A 214 -9.71 25.93 -7.83
CA PRO A 214 -9.31 27.06 -6.98
C PRO A 214 -10.44 27.58 -6.08
N THR A 215 -11.69 27.36 -6.45
CA THR A 215 -12.83 27.91 -5.73
C THR A 215 -13.38 26.98 -4.67
N ASP A 216 -12.98 25.72 -4.67
CA ASP A 216 -13.53 24.74 -3.72
C ASP A 216 -13.06 25.09 -2.31
N SER A 217 -14.01 25.28 -1.39
CA SER A 217 -13.70 25.68 -0.02
C SER A 217 -12.97 27.03 0.04
N SER A 218 -13.16 27.81 -1.02
CA SER A 218 -12.60 29.16 -1.21
C SER A 218 -11.09 29.22 -1.48
N ASP A 219 -10.32 28.43 -0.72
CA ASP A 219 -8.87 28.38 -0.90
C ASP A 219 -8.46 27.38 -1.98
N GLY A 220 -9.36 26.46 -2.32
CA GLY A 220 -9.06 25.46 -3.34
C GLY A 220 -8.81 24.06 -2.81
N ARG A 221 -9.16 23.08 -3.65
CA ARG A 221 -8.91 21.68 -3.33
C ARG A 221 -8.63 20.92 -4.59
N TRP A 222 -7.86 19.83 -4.45
CA TRP A 222 -7.78 18.81 -5.50
C TRP A 222 -8.92 17.82 -5.33
N ASN A 223 -9.61 17.52 -6.43
CA ASN A 223 -10.71 16.56 -6.36
C ASN A 223 -10.56 15.50 -7.42
N SER A 224 -10.99 14.30 -7.06
CA SER A 224 -10.99 13.14 -7.95
C SER A 224 -12.40 12.59 -8.11
N GLU A 225 -12.56 11.71 -9.08
CA GLU A 225 -13.88 11.36 -9.59
C GLU A 225 -14.37 9.94 -9.32
N TYR A 226 -13.51 9.04 -8.85
CA TYR A 226 -13.89 7.62 -8.82
C TYR A 226 -14.12 7.08 -7.44
N ASP A 227 -15.30 6.50 -7.25
CA ASP A 227 -15.63 5.74 -6.04
C ASP A 227 -15.37 4.27 -6.31
N LEU A 228 -15.34 3.43 -5.29
CA LEU A 228 -15.34 1.99 -5.56
C LEU A 228 -16.73 1.55 -6.04
N ILE A 229 -17.79 2.10 -5.44
CA ILE A 229 -19.16 1.86 -5.91
C ILE A 229 -19.91 3.20 -5.84
N SER A 230 -20.57 3.55 -6.94
CA SER A 230 -21.43 4.73 -6.98
C SER A 230 -22.86 4.27 -7.16
N VAL A 231 -23.77 4.80 -6.34
CA VAL A 231 -25.17 4.41 -6.38
C VAL A 231 -26.01 5.67 -6.63
N ALA A 232 -26.13 6.07 -7.89
CA ALA A 232 -26.87 7.28 -8.25
C ALA A 232 -28.19 6.94 -8.97
N HIS A 233 -28.28 5.73 -9.51
CA HIS A 233 -29.42 5.36 -10.36
C HIS A 233 -29.81 3.92 -10.16
N ALA A 234 -29.74 3.47 -8.91
CA ALA A 234 -30.15 2.11 -8.55
C ALA A 234 -31.00 2.12 -7.30
N SER A 235 -32.03 1.28 -7.31
CA SER A 235 -32.86 1.03 -6.14
CA SER A 235 -32.75 1.04 -6.08
C SER A 235 -32.71 -0.44 -5.76
N HIS A 236 -32.71 -0.74 -4.46
CA HIS A 236 -32.66 -2.13 -3.95
C HIS A 236 -31.30 -2.78 -4.19
N VAL A 237 -30.37 -2.42 -3.30
CA VAL A 237 -28.97 -2.75 -3.43
C VAL A 237 -28.47 -3.26 -2.09
N TRP A 238 -27.87 -4.45 -2.10
CA TRP A 238 -27.36 -5.07 -0.89
C TRP A 238 -25.86 -5.32 -1.06
N ILE A 239 -25.08 -4.62 -0.24
CA ILE A 239 -23.63 -4.69 -0.29
C ILE A 239 -23.21 -5.32 1.02
N ASP A 240 -22.80 -6.59 0.95
CA ASP A 240 -22.65 -7.38 2.16
C ASP A 240 -21.33 -8.18 2.18
N HIS A 241 -20.63 -8.17 3.30
CA HIS A 241 -19.45 -9.02 3.48
C HIS A 241 -18.38 -8.73 2.41
N ASN A 242 -18.12 -7.44 2.17
CA ASN A 242 -17.03 -7.03 1.29
C ASN A 242 -16.01 -6.27 2.13
N THR A 243 -14.83 -6.08 1.55
CA THR A 243 -13.82 -5.23 2.15
C THR A 243 -13.51 -4.12 1.15
N PHE A 244 -13.32 -2.89 1.65
CA PHE A 244 -13.06 -1.72 0.80
C PHE A 244 -11.93 -0.93 1.43
N SER A 245 -10.98 -0.44 0.62
CA SER A 245 -9.89 0.38 1.13
C SER A 245 -9.20 1.13 -0.01
N ASP A 246 -8.25 1.99 0.33
CA ASP A 246 -7.41 2.64 -0.67
C ASP A 246 -6.22 1.76 -1.09
N GLY A 247 -6.29 0.45 -0.78
CA GLY A 247 -5.20 -0.43 -1.14
C GLY A 247 -3.88 0.08 -0.58
N ASP A 248 -2.82 -0.01 -1.40
CA ASP A 248 -1.50 0.40 -0.93
C ASP A 248 -1.08 1.76 -1.48
N ARG A 249 -2.04 2.58 -1.94
CA ARG A 249 -1.75 3.97 -2.27
C ARG A 249 -2.55 4.88 -1.34
N HIS A 250 -2.07 5.01 -0.12
CA HIS A 250 -2.72 5.88 0.85
C HIS A 250 -2.47 7.34 0.49
N ASP A 251 -3.43 8.19 0.87
CA ASP A 251 -3.36 9.62 0.56
C ASP A 251 -2.10 10.29 1.07
N HIS A 252 -1.58 9.77 2.17
CA HIS A 252 -0.35 10.27 2.79
C HIS A 252 0.82 10.31 1.79
N ALA A 253 0.79 9.45 0.77
CA ALA A 253 1.87 9.40 -0.23
C ALA A 253 1.85 10.55 -1.22
N PHE A 254 0.75 11.30 -1.24
CA PHE A 254 0.52 12.32 -2.26
C PHE A 254 0.14 13.66 -1.63
N PRO A 255 1.11 14.30 -0.97
CA PRO A 255 0.88 15.58 -0.29
C PRO A 255 0.77 16.75 -1.27
N SER A 256 0.63 17.96 -0.74
CA SER A 256 0.54 19.14 -1.58
C SER A 256 1.75 19.26 -2.47
N VAL A 257 1.51 19.75 -3.68
CA VAL A 257 2.59 20.08 -4.61
C VAL A 257 2.77 21.60 -4.72
N TRP A 258 2.02 22.36 -3.93
CA TRP A 258 2.21 23.80 -3.88
C TRP A 258 3.21 24.15 -2.78
N HIS A 259 4.03 25.17 -3.04
CA HIS A 259 5.01 25.63 -2.07
C HIS A 259 5.10 27.14 -2.17
N GLU A 260 4.06 27.79 -1.64
CA GLU A 260 3.93 29.24 -1.69
C GLU A 260 2.87 29.64 -0.69
N THR A 261 2.92 30.91 -0.32
CA THR A 261 1.89 31.52 0.52
C THR A 261 1.19 32.61 -0.29
N VAL A 262 -0.14 32.53 -0.34
CA VAL A 262 -0.94 33.45 -1.14
C VAL A 262 -2.14 33.80 -0.29
N HIS A 263 -2.49 35.08 -0.23
CA HIS A 263 -3.55 35.60 0.66
C HIS A 263 -3.54 34.95 2.05
N GLY A 264 -2.35 34.86 2.64
CA GLY A 264 -2.20 34.40 4.00
C GLY A 264 -2.22 32.89 4.16
N THR A 265 -2.42 32.16 3.06
CA THR A 265 -2.58 30.71 3.14
C THR A 265 -1.29 30.00 2.74
N ASP A 266 -0.78 29.17 3.64
CA ASP A 266 0.33 28.30 3.33
C ASP A 266 -0.20 27.15 2.48
N TYR A 267 0.06 27.22 1.19
CA TYR A 267 -0.44 26.22 0.26
C TYR A 267 0.25 24.87 0.28
N SER A 268 1.27 24.72 1.12
CA SER A 268 1.87 23.40 1.35
C SER A 268 1.10 22.55 2.35
N GLY A 269 0.08 23.12 2.99
CA GLY A 269 -0.66 22.41 4.01
C GLY A 269 -1.47 21.21 3.51
N GLY A 270 -1.84 20.34 4.45
CA GLY A 270 -2.58 19.12 4.13
C GLY A 270 -3.92 19.31 3.45
N ASP A 271 -4.56 20.47 3.65
CA ASP A 271 -5.82 20.79 2.96
C ASP A 271 -5.61 20.64 1.44
N PHE A 272 -4.37 20.84 1.00
CA PHE A 272 -4.06 20.98 -0.42
C PHE A 272 -3.34 19.75 -0.98
N LYS A 273 -3.46 18.62 -0.27
CA LYS A 273 -2.91 17.36 -0.77
C LYS A 273 -3.52 17.03 -2.14
N VAL A 274 -2.76 16.30 -2.96
CA VAL A 274 -3.29 15.89 -4.25
C VAL A 274 -4.10 14.62 -4.02
N GLN A 275 -5.41 14.82 -3.87
CA GLN A 275 -6.34 13.76 -3.55
C GLN A 275 -6.70 12.96 -4.80
N HIS A 276 -6.27 11.71 -4.82
CA HIS A 276 -6.52 10.82 -5.94
C HIS A 276 -7.74 9.91 -5.75
N HIS A 277 -8.39 10.00 -4.59
CA HIS A 277 -9.55 9.18 -4.30
C HIS A 277 -10.80 10.02 -4.14
N ASP A 278 -11.95 9.37 -4.18
CA ASP A 278 -13.20 10.06 -3.91
C ASP A 278 -13.88 9.25 -2.80
N GLY A 279 -15.04 8.67 -3.07
CA GLY A 279 -15.71 7.91 -2.03
C GLY A 279 -15.36 6.43 -1.99
N LEU A 280 -15.75 5.77 -0.92
CA LEU A 280 -15.81 4.29 -0.96
C LEU A 280 -17.12 3.87 -1.64
N VAL A 281 -18.24 4.20 -1.00
CA VAL A 281 -19.57 3.98 -1.59
C VAL A 281 -20.36 5.26 -1.39
N ASP A 282 -20.71 5.92 -2.50
CA ASP A 282 -21.51 7.13 -2.45
C ASP A 282 -22.90 6.82 -2.97
N VAL A 283 -23.91 7.35 -2.31
CA VAL A 283 -25.31 7.14 -2.71
C VAL A 283 -25.88 8.52 -2.93
N THR A 284 -26.24 8.84 -4.17
CA THR A 284 -26.67 10.19 -4.52
C THR A 284 -27.87 10.10 -5.45
N ARG A 285 -28.46 11.26 -5.77
CA ARG A 285 -29.52 11.36 -6.76
C ARG A 285 -30.67 10.40 -6.48
N HIS A 286 -30.86 9.38 -7.31
CA HIS A 286 -31.97 8.44 -7.12
C HIS A 286 -31.55 7.08 -6.57
N GLY A 287 -30.35 6.99 -6.01
CA GLY A 287 -30.00 5.80 -5.25
C GLY A 287 -30.97 5.64 -4.10
N ASN A 288 -31.44 4.41 -3.88
CA ASN A 288 -32.47 4.25 -2.84
C ASN A 288 -32.57 2.79 -2.41
N TYR A 289 -33.02 2.58 -1.19
CA TYR A 289 -33.16 1.22 -0.62
C TYR A 289 -31.85 0.44 -0.70
N VAL A 290 -30.83 0.99 -0.03
CA VAL A 290 -29.50 0.41 -0.05
C VAL A 290 -29.17 -0.04 1.35
N THR A 291 -28.64 -1.25 1.47
CA THR A 291 -28.10 -1.73 2.75
C THR A 291 -26.64 -2.13 2.58
N LEU A 292 -25.79 -1.60 3.47
CA LEU A 292 -24.40 -2.03 3.56
C LEU A 292 -24.23 -2.75 4.89
N SER A 293 -24.01 -4.07 4.83
CA SER A 293 -23.98 -4.89 6.03
C SER A 293 -22.69 -5.72 6.08
N ASN A 294 -22.14 -5.83 7.29
CA ASN A 294 -21.06 -6.80 7.54
C ASN A 294 -19.83 -6.59 6.67
N ASN A 295 -19.56 -5.34 6.30
CA ASN A 295 -18.37 -5.01 5.49
C ASN A 295 -17.23 -4.50 6.36
N HIS A 296 -16.01 -4.58 5.84
CA HIS A 296 -14.85 -3.97 6.45
C HIS A 296 -14.38 -2.83 5.55
N PHE A 297 -14.55 -1.59 6.01
CA PHE A 297 -14.10 -0.41 5.28
C PHE A 297 -12.89 0.12 6.00
N HIS A 298 -11.77 0.31 5.31
CA HIS A 298 -10.58 0.78 6.01
C HIS A 298 -9.68 1.64 5.16
N ASP A 299 -9.00 2.58 5.80
CA ASP A 299 -7.91 3.32 5.17
C ASP A 299 -8.38 4.14 3.96
N HIS A 300 -9.09 5.22 4.28
CA HIS A 300 -9.66 6.06 3.26
C HIS A 300 -10.12 7.36 3.92
N ASP A 301 -10.16 8.44 3.14
CA ASP A 301 -10.52 9.74 3.68
C ASP A 301 -12.06 9.91 3.75
N LYS A 302 -12.69 10.22 2.61
CA LYS A 302 -14.11 10.56 2.59
C LYS A 302 -14.93 9.32 2.24
N ALA A 303 -15.48 8.68 3.24
CA ALA A 303 -16.02 7.32 3.04
C ALA A 303 -17.36 7.23 2.27
N PHE A 304 -18.40 7.86 2.82
CA PHE A 304 -19.76 7.69 2.29
C PHE A 304 -20.47 9.03 2.16
N LEU A 305 -20.63 9.49 0.92
CA LEU A 305 -21.42 10.69 0.67
C LEU A 305 -22.84 10.23 0.34
N ILE A 306 -23.78 10.54 1.25
CA ILE A 306 -25.19 10.22 1.02
CA ILE A 306 -25.18 10.23 0.98
C ILE A 306 -25.87 11.56 0.69
N GLY A 307 -26.13 11.78 -0.60
CA GLY A 307 -26.65 13.07 -1.06
C GLY A 307 -25.52 14.04 -1.37
N GLY A 308 -25.42 14.46 -2.63
CA GLY A 308 -24.30 15.26 -3.07
C GLY A 308 -24.47 16.77 -3.05
N THR A 309 -25.66 17.29 -2.69
CA THR A 309 -25.88 18.72 -2.70
C THR A 309 -26.90 19.20 -1.66
N ASP A 310 -26.67 20.39 -1.10
CA ASP A 310 -27.66 20.99 -0.21
C ASP A 310 -28.90 21.45 -0.94
N VAL A 311 -28.82 21.64 -2.25
CA VAL A 311 -29.94 22.25 -2.97
C VAL A 311 -31.05 21.20 -3.14
N PRO A 312 -32.26 21.51 -2.65
CA PRO A 312 -33.34 20.52 -2.80
C PRO A 312 -33.84 20.45 -4.22
N GLY A 313 -34.27 19.26 -4.63
CA GLY A 313 -34.79 19.08 -5.97
C GLY A 313 -35.03 17.62 -6.26
N ALA A 314 -35.95 17.36 -7.17
CA ALA A 314 -36.34 16.00 -7.46
C ALA A 314 -35.19 15.14 -7.99
N ASP A 315 -34.24 15.77 -8.66
CA ASP A 315 -33.11 15.07 -9.25
CA ASP A 315 -33.12 15.08 -9.26
C ASP A 315 -32.04 14.69 -8.23
N SER A 316 -31.48 15.68 -7.54
CA SER A 316 -30.29 15.44 -6.73
C SER A 316 -30.37 15.82 -5.24
N GLY A 317 -31.50 16.37 -4.81
CA GLY A 317 -31.68 16.69 -3.40
C GLY A 317 -33.08 16.32 -2.99
N ASN A 318 -33.35 15.01 -3.03
CA ASN A 318 -34.72 14.51 -2.96
C ASN A 318 -34.89 13.69 -1.69
N PRO A 319 -35.71 14.20 -0.74
CA PRO A 319 -35.89 13.51 0.54
C PRO A 319 -36.75 12.26 0.46
N ARG A 320 -37.15 11.88 -0.75
CA ARG A 320 -37.85 10.60 -0.97
C ARG A 320 -36.89 9.51 -1.46
N MET A 321 -35.63 9.88 -1.68
CA MET A 321 -34.57 8.97 -2.09
C MET A 321 -33.57 8.78 -0.95
N LEU A 322 -32.49 8.07 -1.22
CA LEU A 322 -31.34 8.00 -0.32
C LEU A 322 -31.65 7.28 1.00
N LYS A 323 -32.53 6.28 0.93
CA LYS A 323 -32.77 5.45 2.10
C LYS A 323 -31.69 4.40 2.20
N VAL A 324 -30.87 4.48 3.25
CA VAL A 324 -29.67 3.63 3.36
C VAL A 324 -29.57 3.10 4.79
N THR A 325 -29.27 1.80 4.92
CA THR A 325 -29.00 1.18 6.20
C THR A 325 -27.56 0.71 6.25
N PHE A 326 -26.83 1.06 7.31
CA PHE A 326 -25.48 0.53 7.57
C PHE A 326 -25.54 -0.27 8.85
N HIS A 327 -25.18 -1.56 8.81
CA HIS A 327 -25.08 -2.31 10.06
C HIS A 327 -24.01 -3.39 10.01
N GLY A 328 -23.39 -3.62 11.16
CA GLY A 328 -22.42 -4.68 11.30
C GLY A 328 -21.10 -4.39 10.62
N ASN A 329 -20.86 -3.13 10.24
CA ASN A 329 -19.63 -2.80 9.54
C ASN A 329 -18.51 -2.42 10.48
N HIS A 330 -17.28 -2.66 10.02
CA HIS A 330 -16.08 -2.16 10.66
C HIS A 330 -15.63 -0.94 9.86
N PHE A 331 -15.68 0.24 10.50
CA PHE A 331 -15.27 1.50 9.89
C PHE A 331 -13.91 1.84 10.52
N GLN A 332 -12.83 1.42 9.85
CA GLN A 332 -11.49 1.48 10.45
C GLN A 332 -10.59 2.44 9.69
N ASN A 333 -9.92 3.33 10.41
CA ASN A 333 -9.00 4.26 9.75
C ASN A 333 -9.66 5.02 8.61
N LEU A 334 -10.87 5.51 8.86
CA LEU A 334 -11.56 6.39 7.93
C LEU A 334 -11.54 7.80 8.53
N ARG A 335 -11.32 8.80 7.67
CA ARG A 335 -11.21 10.16 8.18
C ARG A 335 -12.54 10.88 8.41
N GLN A 336 -13.49 10.74 7.49
CA GLN A 336 -14.73 11.51 7.57
C GLN A 336 -15.80 10.91 6.68
N ARG A 337 -16.98 11.54 6.68
CA ARG A 337 -18.14 11.02 5.96
C ARG A 337 -18.44 9.59 6.33
N GLN A 338 -18.62 9.33 7.62
CA GLN A 338 -18.91 7.97 8.04
C GLN A 338 -20.19 7.87 8.89
N ALA A 339 -21.36 8.20 8.32
CA ALA A 339 -21.59 8.67 6.95
C ALA A 339 -21.99 10.14 6.97
N ARG A 340 -21.86 10.82 5.83
CA ARG A 340 -22.34 12.19 5.71
C ARG A 340 -23.71 12.16 5.02
N VAL A 341 -24.76 12.57 5.74
CA VAL A 341 -26.12 12.33 5.27
C VAL A 341 -26.93 13.60 4.96
N ARG A 342 -27.24 13.78 3.68
CA ARG A 342 -28.24 14.77 3.24
C ARG A 342 -29.49 14.03 2.77
N TYR A 343 -30.66 14.62 3.01
CA TYR A 343 -31.94 14.24 2.38
C TYR A 343 -32.50 12.86 2.71
N GLY A 344 -31.65 11.86 2.92
CA GLY A 344 -32.11 10.50 3.12
C GLY A 344 -32.45 10.11 4.55
N MET A 345 -33.23 9.05 4.69
CA MET A 345 -33.50 8.40 5.98
C MET A 345 -32.48 7.29 6.15
N VAL A 346 -31.48 7.55 6.99
CA VAL A 346 -30.31 6.67 7.09
C VAL A 346 -30.18 6.11 8.49
N HIS A 347 -30.12 4.78 8.57
CA HIS A 347 -30.05 4.05 9.82
C HIS A 347 -28.66 3.44 9.96
N LEU A 348 -27.96 3.76 11.04
CA LEU A 348 -26.65 3.15 11.30
C LEU A 348 -26.75 2.42 12.63
N TYR A 349 -26.65 1.10 12.60
CA TYR A 349 -26.71 0.35 13.84
C TYR A 349 -25.63 -0.73 13.94
N ASN A 350 -25.12 -0.93 15.15
CA ASN A 350 -24.17 -2.02 15.38
C ASN A 350 -22.98 -1.98 14.43
N ASN A 351 -22.43 -0.78 14.25
CA ASN A 351 -21.14 -0.66 13.55
C ASN A 351 -20.03 -0.41 14.57
N TYR A 352 -18.82 -0.78 14.20
CA TYR A 352 -17.64 -0.54 15.02
C TYR A 352 -16.73 0.44 14.28
N TYR A 353 -16.59 1.63 14.85
CA TYR A 353 -15.67 2.65 14.35
C TYR A 353 -14.38 2.54 15.13
N GLU A 354 -13.26 2.53 14.42
CA GLU A 354 -11.96 2.35 15.03
C GLU A 354 -10.92 3.21 14.34
N ASN A 355 -10.34 4.15 15.08
CA ASN A 355 -9.36 5.06 14.48
C ASN A 355 -8.61 5.77 15.61
N THR A 356 -7.72 6.67 15.21
CA THR A 356 -7.08 7.59 16.13
C THR A 356 -7.18 9.00 15.59
N ARG A 357 -7.13 9.99 16.47
CA ARG A 357 -7.05 11.39 16.07
C ARG A 357 -5.63 11.85 15.86
N ASP A 358 -4.65 10.99 16.17
CA ASP A 358 -3.23 11.33 16.02
C ASP A 358 -2.97 11.90 14.63
N ALA A 359 -2.49 13.13 14.56
CA ALA A 359 -2.37 13.84 13.29
C ALA A 359 -1.33 13.24 12.38
N SER A 360 -0.50 12.36 12.93
CA SER A 360 0.55 11.71 12.13
C SER A 360 0.08 10.42 11.46
N ALA A 361 -1.10 9.92 11.83
CA ALA A 361 -1.67 8.73 11.21
C ALA A 361 -1.94 8.96 9.73
N ASP A 362 -2.11 7.88 8.96
CA ASP A 362 -2.38 8.04 7.53
C ASP A 362 -3.75 8.65 7.27
N TYR A 363 -4.73 8.24 8.07
CA TYR A 363 -6.10 8.73 7.93
C TYR A 363 -6.62 9.14 9.29
N PRO A 364 -6.05 10.21 9.86
CA PRO A 364 -6.51 10.62 11.20
C PRO A 364 -7.99 10.95 11.18
N TRP A 365 -8.69 10.56 12.23
CA TRP A 365 -10.11 10.84 12.37
C TRP A 365 -10.37 12.36 12.39
N LEU A 366 -11.28 12.77 11.53
CA LEU A 366 -11.76 14.15 11.52
C LEU A 366 -13.21 14.24 11.99
N ALA A 367 -14.08 13.42 11.42
CA ALA A 367 -15.52 13.45 11.76
C ALA A 367 -16.09 12.06 11.59
N GLY A 368 -17.18 11.82 12.31
CA GLY A 368 -17.89 10.55 12.23
C GLY A 368 -19.13 10.67 11.37
N MET A 369 -20.29 10.72 12.03
CA MET A 369 -21.58 10.90 11.37
C MET A 369 -21.86 12.38 11.23
N THR A 370 -22.33 12.79 10.05
CA THR A 370 -22.73 14.18 9.87
C THR A 370 -24.19 14.24 9.47
N LEU A 371 -24.98 14.94 10.29
CA LEU A 371 -26.34 15.31 9.88
C LEU A 371 -26.24 16.47 8.92
N GLY A 372 -26.32 16.18 7.62
CA GLY A 372 -26.37 17.20 6.61
C GLY A 372 -27.79 17.60 6.26
N GLN A 373 -27.88 18.38 5.19
CA GLN A 373 -29.12 19.07 4.86
C GLN A 373 -30.29 18.12 4.69
N SER A 374 -31.29 18.25 5.56
CA SER A 374 -32.53 17.44 5.51
C SER A 374 -32.28 15.94 5.69
N GLY A 375 -31.10 15.58 6.20
CA GLY A 375 -30.85 14.20 6.54
C GLY A 375 -31.70 13.79 7.74
N LYS A 376 -31.94 12.49 7.85
CA LYS A 376 -32.72 11.96 8.96
C LYS A 376 -31.98 10.71 9.45
N VAL A 377 -31.13 10.92 10.45
CA VAL A 377 -30.17 9.92 10.89
C VAL A 377 -30.66 9.23 12.15
N HIS A 378 -30.58 7.91 12.16
CA HIS A 378 -31.02 7.11 13.31
C HIS A 378 -29.87 6.16 13.65
N ALA A 379 -29.23 6.38 14.79
CA ALA A 379 -28.01 5.64 15.15
C ALA A 379 -28.24 4.83 16.42
N GLU A 380 -28.01 3.52 16.36
CA GLU A 380 -28.25 2.66 17.51
C GLU A 380 -27.10 1.69 17.77
N ASN A 381 -26.66 1.64 19.02
CA ASN A 381 -25.71 0.62 19.48
C ASN A 381 -24.46 0.51 18.60
N ASN A 382 -23.90 1.67 18.28
CA ASN A 382 -22.61 1.73 17.59
C ASN A 382 -21.51 1.87 18.65
N VAL A 383 -20.39 1.22 18.40
CA VAL A 383 -19.21 1.33 19.26
C VAL A 383 -18.12 2.10 18.55
N VAL A 384 -17.51 3.04 19.26
CA VAL A 384 -16.42 3.84 18.73
C VAL A 384 -15.20 3.69 19.62
N SER A 385 -14.09 3.26 19.02
CA SER A 385 -12.79 3.28 19.67
CA SER A 385 -12.80 3.29 19.68
C SER A 385 -11.96 4.34 18.97
N LEU A 386 -11.72 5.45 19.65
CA LEU A 386 -11.08 6.60 19.03
C LEU A 386 -9.95 7.04 19.93
N ALA A 387 -8.73 6.69 19.54
CA ALA A 387 -7.54 7.01 20.30
C ALA A 387 -7.05 8.42 19.98
N GLY A 388 -5.96 8.82 20.62
CA GLY A 388 -5.36 10.10 20.32
C GLY A 388 -4.43 10.50 21.44
N PRO A 389 -3.22 10.96 21.09
CA PRO A 389 -2.22 11.30 22.10
C PRO A 389 -2.52 12.64 22.77
N ASP A 390 -3.38 13.47 22.19
CA ASP A 390 -3.49 14.85 22.69
C ASP A 390 -4.53 15.04 23.80
N ARG A 391 -5.71 14.49 23.59
CA ARG A 391 -6.82 14.67 24.52
C ARG A 391 -7.82 13.53 24.31
N PRO A 392 -8.65 13.24 25.32
CA PRO A 392 -9.69 12.22 25.09
C PRO A 392 -10.68 12.63 24.00
N ALA A 393 -11.09 11.66 23.20
CA ALA A 393 -12.19 11.88 22.26
C ALA A 393 -13.47 12.25 23.00
N ARG A 394 -14.32 13.03 22.35
CA ARG A 394 -15.59 13.49 22.91
C ARG A 394 -16.71 13.17 21.95
N PRO A 395 -17.96 13.16 22.45
CA PRO A 395 -19.11 12.94 21.55
C PRO A 395 -19.10 13.89 20.36
N ALA A 396 -18.69 15.13 20.58
CA ALA A 396 -18.64 16.10 19.49
C ALA A 396 -17.66 15.74 18.37
N ASP A 397 -16.73 14.82 18.62
CA ASP A 397 -15.83 14.36 17.55
C ASP A 397 -16.53 13.34 16.65
N VAL A 398 -17.64 12.79 17.15
CA VAL A 398 -18.26 11.62 16.53
C VAL A 398 -19.52 11.94 15.74
N ALA A 399 -20.21 13.02 16.11
CA ALA A 399 -21.36 13.47 15.32
C ALA A 399 -21.36 14.98 15.23
N ASN A 400 -21.73 15.49 14.07
CA ASN A 400 -21.88 16.94 13.87
C ASN A 400 -23.01 17.20 12.88
N ALA A 401 -23.26 18.48 12.58
CA ALA A 401 -24.36 18.87 11.71
C ALA A 401 -23.93 19.93 10.73
N ARG A 402 -24.50 19.89 9.53
CA ARG A 402 -24.26 20.87 8.47
C ARG A 402 -25.60 21.20 7.83
N ILE A 403 -26.26 22.24 8.37
CA ILE A 403 -27.64 22.55 7.97
C ILE A 403 -27.78 24.04 7.71
N SER A 404 -28.58 24.36 6.69
CA SER A 404 -28.94 25.74 6.32
C SER A 404 -30.46 25.90 6.27
N ALA A 405 -31.00 26.88 6.99
CA ALA A 405 -32.45 27.12 7.00
C ALA A 405 -33.01 27.58 5.67
N ALA A 406 -32.22 28.28 4.88
CA ALA A 406 -32.75 28.76 3.61
C ALA A 406 -33.07 27.58 2.69
N ARG A 407 -32.18 26.60 2.70
CA ARG A 407 -32.38 25.38 1.93
C ARG A 407 -33.57 24.58 2.45
N THR A 408 -33.75 24.53 3.76
CA THR A 408 -34.93 23.90 4.36
C THR A 408 -36.23 24.50 3.83
N GLN A 409 -36.28 25.82 3.74
CA GLN A 409 -37.51 26.48 3.27
C GLN A 409 -37.71 26.26 1.77
N ASP A 410 -36.63 26.27 1.00
CA ASP A 410 -36.69 25.95 -0.43
C ASP A 410 -37.28 24.54 -0.63
N CYS A 411 -36.85 23.63 0.21
CA CYS A 411 -37.23 22.23 0.15
C CYS A 411 -38.73 22.04 0.35
N ALA A 412 -39.29 22.77 1.31
CA ALA A 412 -40.69 22.55 1.68
C ALA A 412 -41.63 22.85 0.52
N ALA A 413 -41.26 23.83 -0.31
CA ALA A 413 -42.05 24.18 -1.49
C ALA A 413 -42.04 23.09 -2.55
N LEU A 414 -40.99 22.27 -2.55
CA LEU A 414 -40.89 21.19 -3.53
C LEU A 414 -41.41 19.88 -2.98
N PHE A 415 -41.29 19.70 -1.67
CA PHE A 415 -41.68 18.46 -1.01
C PHE A 415 -42.68 18.76 0.11
N SER A 416 -42.23 18.74 1.36
CA SER A 416 -43.09 19.14 2.48
C SER A 416 -42.22 19.48 3.68
N ALA A 417 -42.78 20.20 4.63
CA ALA A 417 -42.01 20.57 5.83
C ALA A 417 -41.44 19.36 6.56
N SER A 418 -42.25 18.32 6.78
CA SER A 418 -41.76 17.15 7.49
C SER A 418 -40.65 16.45 6.71
N GLU A 419 -40.81 16.34 5.40
CA GLU A 419 -39.80 15.68 4.58
C GLU A 419 -38.52 16.49 4.48
N CYS A 420 -38.59 17.78 4.80
CA CYS A 420 -37.43 18.65 4.69
C CYS A 420 -36.71 18.87 6.02
N ALA A 421 -37.24 18.31 7.09
CA ALA A 421 -36.59 18.42 8.38
C ALA A 421 -35.23 17.72 8.37
N SER A 422 -34.31 18.22 9.21
CA SER A 422 -33.01 17.60 9.45
C SER A 422 -33.08 17.05 10.86
N THR A 423 -33.03 15.74 11.02
CA THR A 423 -33.25 15.14 12.33
C THR A 423 -32.18 14.11 12.68
N PHE A 424 -31.93 13.96 13.97
CA PHE A 424 -30.92 13.02 14.45
C PHE A 424 -31.39 12.34 15.71
N TYR A 425 -31.26 11.02 15.76
CA TYR A 425 -31.56 10.21 16.92
C TYR A 425 -30.36 9.31 17.19
N ASP A 426 -29.97 9.19 18.45
CA ASP A 426 -29.08 8.07 18.81
C ASP A 426 -29.43 7.46 20.15
N SER A 427 -29.12 6.17 20.25
CA SER A 427 -29.25 5.43 21.48
CA SER A 427 -29.22 5.46 21.51
C SER A 427 -28.12 4.41 21.53
N GLY A 428 -27.64 4.10 22.73
CA GLY A 428 -26.65 3.06 22.90
C GLY A 428 -25.27 3.31 22.30
N THR A 429 -24.93 4.54 21.97
CA THR A 429 -23.61 4.83 21.45
C THR A 429 -22.57 4.65 22.56
N VAL A 430 -21.49 3.94 22.25
CA VAL A 430 -20.39 3.81 23.20
C VAL A 430 -19.13 4.39 22.60
N LEU A 431 -18.47 5.28 23.33
CA LEU A 431 -17.22 5.88 22.90
C LEU A 431 -16.18 5.56 23.95
N ASN A 432 -15.15 4.83 23.54
CA ASN A 432 -14.04 4.48 24.43
C ASN A 432 -14.52 3.89 25.74
N GLY A 433 -15.47 2.98 25.63
CA GLY A 433 -15.95 2.20 26.76
C GLY A 433 -17.04 2.81 27.60
N GLY A 434 -17.48 4.02 27.26
CA GLY A 434 -18.57 4.63 28.01
C GLY A 434 -19.64 5.22 27.09
N PRO A 435 -20.87 5.37 27.60
CA PRO A 435 -21.92 5.96 26.78
C PRO A 435 -21.58 7.37 26.29
N ALA A 436 -22.01 7.68 25.07
CA ALA A 436 -21.82 8.99 24.46
C ALA A 436 -23.16 9.46 23.88
N ASP A 437 -23.57 10.65 24.28
CA ASP A 437 -24.82 11.23 23.79
C ASP A 437 -24.54 12.02 22.51
N LEU A 438 -24.68 11.38 21.36
CA LEU A 438 -24.36 12.08 20.11
C LEU A 438 -25.40 13.14 19.79
N THR A 439 -26.64 12.90 20.20
CA THR A 439 -27.71 13.87 19.91
C THR A 439 -27.41 15.23 20.56
N ALA A 440 -26.92 15.22 21.79
CA ALA A 440 -26.54 16.46 22.45
C ALA A 440 -25.45 17.20 21.69
N ALA A 441 -24.48 16.44 21.16
CA ALA A 441 -23.43 17.05 20.35
C ALA A 441 -24.00 17.64 19.07
N VAL A 442 -24.93 16.93 18.44
CA VAL A 442 -25.54 17.43 17.23
C VAL A 442 -26.28 18.74 17.47
N ARG A 443 -26.98 18.82 18.61
CA ARG A 443 -27.73 20.03 18.94
CA ARG A 443 -27.72 20.03 18.97
C ARG A 443 -26.79 21.23 19.12
N TRP A 444 -25.62 21.02 19.71
CA TRP A 444 -24.67 22.11 19.85
C TRP A 444 -24.06 22.46 18.50
N SER A 445 -23.90 21.47 17.63
CA SER A 445 -23.37 21.73 16.30
C SER A 445 -24.29 22.63 15.46
N SER A 446 -25.60 22.35 15.52
CA SER A 446 -26.58 23.19 14.84
C SER A 446 -27.89 23.21 15.60
N ALA A 447 -28.35 24.42 15.90
CA ALA A 447 -29.66 24.61 16.52
C ALA A 447 -30.82 24.41 15.53
N LEU A 448 -30.51 24.05 14.28
CA LEU A 448 -31.55 23.87 13.28
C LEU A 448 -32.01 22.42 13.17
N ALA A 449 -31.29 21.52 13.85
CA ALA A 449 -31.67 20.11 13.90
C ALA A 449 -33.00 19.98 14.65
N ALA A 450 -33.93 19.16 14.13
CA ALA A 450 -35.29 19.08 14.67
C ALA A 450 -35.60 17.70 15.22
N ALA A 451 -36.73 17.57 15.92
CA ALA A 451 -37.11 16.31 16.53
C ALA A 451 -37.35 15.22 15.47
N PRO A 452 -36.75 14.03 15.67
CA PRO A 452 -36.98 12.93 14.73
C PRO A 452 -38.46 12.56 14.61
N ALA A 453 -38.86 12.13 13.42
CA ALA A 453 -40.25 11.79 13.12
C ALA A 453 -40.32 10.55 12.24
N TRP A 454 -39.29 9.71 12.29
CA TRP A 454 -39.36 8.38 11.69
C TRP A 454 -38.61 7.39 12.57
N LYS A 455 -38.93 6.13 12.40
CA LYS A 455 -38.09 5.10 12.98
C LYS A 455 -37.99 3.92 12.04
N PRO A 456 -36.77 3.38 11.92
CA PRO A 456 -36.57 2.28 10.96
C PRO A 456 -37.39 1.04 11.27
N SER A 457 -37.74 0.77 12.53
CA SER A 457 -38.53 -0.42 12.83
C SER A 457 -39.93 -0.40 12.20
N ASP A 458 -40.39 0.77 11.76
CA ASP A 458 -41.64 0.83 11.01
C ASP A 458 -41.52 0.23 9.62
N PHE A 459 -40.29 0.09 9.12
CA PHE A 459 -40.08 -0.29 7.73
C PHE A 459 -39.40 -1.65 7.54
N TYR A 460 -38.74 -2.12 8.60
CA TYR A 460 -38.15 -3.45 8.59
C TYR A 460 -37.89 -3.87 10.03
N ASP A 461 -37.87 -5.18 10.27
CA ASP A 461 -37.59 -5.71 11.59
C ASP A 461 -36.08 -5.87 11.75
N TYR A 462 -35.57 -5.62 12.95
CA TYR A 462 -34.16 -5.85 13.24
C TYR A 462 -33.97 -5.97 14.73
N THR A 463 -32.92 -6.70 15.12
CA THR A 463 -32.53 -6.87 16.51
C THR A 463 -31.17 -6.21 16.74
N LEU A 464 -31.09 -5.34 17.74
CA LEU A 464 -29.83 -4.70 18.08
C LEU A 464 -28.98 -5.62 18.93
N GLU A 465 -27.75 -5.90 18.48
CA GLU A 465 -26.75 -6.51 19.33
C GLU A 465 -26.33 -5.53 20.39
N ASP A 466 -25.99 -6.01 21.57
CA ASP A 466 -25.42 -5.14 22.60
CA ASP A 466 -25.51 -4.98 22.46
C ASP A 466 -24.01 -4.73 22.21
N THR A 467 -23.53 -3.65 22.79
CA THR A 467 -22.22 -3.12 22.44
C THR A 467 -21.05 -3.78 23.20
N ALA A 468 -21.36 -4.53 24.25
CA ALA A 468 -20.31 -5.08 25.13
C ALA A 468 -19.18 -5.82 24.39
N ASP A 469 -19.57 -6.72 23.49
CA ASP A 469 -18.57 -7.51 22.78
C ASP A 469 -18.56 -7.21 21.30
N LEU A 470 -19.19 -6.11 20.90
CA LEU A 470 -19.44 -5.86 19.49
C LEU A 470 -18.15 -5.60 18.71
N ALA A 471 -17.22 -4.84 19.29
CA ALA A 471 -15.96 -4.57 18.61
C ALA A 471 -15.23 -5.87 18.25
N ALA A 472 -15.13 -6.78 19.22
CA ALA A 472 -14.46 -8.05 18.99
C ALA A 472 -15.22 -8.90 17.98
N ARG A 473 -16.56 -8.93 18.08
CA ARG A 473 -17.38 -9.71 17.16
CA ARG A 473 -17.37 -9.71 17.15
C ARG A 473 -17.15 -9.23 15.73
N ILE A 474 -17.30 -7.93 15.52
CA ILE A 474 -17.18 -7.35 14.18
C ILE A 474 -15.77 -7.51 13.62
N THR A 475 -14.75 -7.28 14.44
CA THR A 475 -13.38 -7.49 13.97
C THR A 475 -13.17 -8.92 13.46
N ALA A 476 -13.74 -9.90 14.17
CA ALA A 476 -13.61 -11.28 13.79
C ALA A 476 -14.42 -11.70 12.56
N ARG A 477 -15.59 -11.09 12.35
CA ARG A 477 -16.57 -11.67 11.41
C ARG A 477 -16.83 -10.84 10.15
N ALA A 478 -16.42 -9.57 10.12
CA ALA A 478 -16.81 -8.69 9.02
C ALA A 478 -15.91 -8.83 7.80
N GLY A 479 -16.46 -8.46 6.64
CA GLY A 479 -15.65 -8.30 5.44
C GLY A 479 -15.63 -9.48 4.49
N ALA A 480 -14.80 -9.34 3.48
CA ALA A 480 -14.57 -10.43 2.53
C ALA A 480 -13.79 -11.58 3.17
N GLY A 481 -13.89 -12.75 2.57
CA GLY A 481 -13.10 -13.88 3.03
C GLY A 481 -13.69 -14.58 4.25
N LYS A 482 -14.97 -14.34 4.54
CA LYS A 482 -15.63 -14.92 5.71
C LYS A 482 -16.75 -15.88 5.33
N LEU A 483 -17.53 -15.53 4.32
CA LEU A 483 -18.66 -16.35 3.88
C LEU A 483 -18.27 -17.68 3.27
N GLU A 484 -17.09 -17.72 2.64
CA GLU A 484 -16.63 -18.93 1.98
C GLU A 484 -15.25 -19.33 2.47
N GLY A 485 -14.96 -20.62 2.42
CA GLY A 485 -13.61 -21.11 2.58
C GLY A 485 -12.77 -20.83 1.35
N PRO A 486 -11.47 -21.09 1.45
CA PRO A 486 -10.59 -20.83 0.31
C PRO A 486 -10.88 -21.77 -0.85
N ALA A 487 -10.60 -21.31 -2.06
CA ALA A 487 -10.77 -22.13 -3.25
C ALA A 487 -9.80 -23.29 -3.19
N GLU A 488 -10.24 -24.46 -3.66
CA GLU A 488 -9.31 -25.58 -3.83
C GLU A 488 -8.29 -25.21 -4.91
N PRO A 489 -7.07 -25.71 -4.78
CA PRO A 489 -6.08 -25.46 -5.83
C PRO A 489 -6.59 -25.98 -7.18
N ARG A 490 -6.22 -25.29 -8.25
CA ARG A 490 -6.63 -25.71 -9.58
C ARG A 490 -5.90 -26.99 -9.95
N LYS A 491 -6.59 -27.87 -10.66
CA LYS A 491 -5.99 -29.13 -11.06
C LYS A 491 -4.96 -28.96 -12.16
N LEU A 492 -3.94 -29.81 -12.13
CA LEU A 492 -2.98 -29.89 -13.23
C LEU A 492 -3.37 -31.10 -14.06
N ALA A 493 -3.27 -30.99 -15.37
CA ALA A 493 -3.47 -32.14 -16.25
C ALA A 493 -2.49 -33.25 -15.91
N ALA A 494 -1.32 -32.86 -15.41
CA ALA A 494 -0.30 -33.80 -15.00
C ALA A 494 -0.77 -34.78 -13.93
N ALA A 495 -1.71 -34.35 -13.09
CA ALA A 495 -2.23 -35.20 -12.00
C ALA A 495 -3.04 -36.40 -12.51
N LEU A 496 -3.45 -36.36 -13.77
CA LEU A 496 -4.18 -37.46 -14.39
C LEU A 496 -3.21 -38.52 -14.91
N GLU A 497 -1.93 -38.17 -14.91
CA GLU A 497 -0.92 -39.00 -15.54
C GLU A 497 -0.19 -39.88 -14.53
N HIS A 498 -0.39 -41.20 -14.65
CA HIS A 498 0.19 -42.15 -13.72
C HIS A 498 1.30 -42.97 -14.37
N MET B 1 10.01 -9.79 45.14
CA MET B 1 9.56 -8.83 44.15
C MET B 1 8.11 -8.46 44.43
N ASP B 2 7.51 -7.60 43.60
CA ASP B 2 6.16 -7.16 43.88
C ASP B 2 5.38 -6.96 42.59
N ILE B 3 4.30 -7.74 42.45
CA ILE B 3 3.41 -7.63 41.30
C ILE B 3 2.17 -6.86 41.71
N GLY B 4 2.01 -5.66 41.16
CA GLY B 4 0.89 -4.82 41.51
C GLY B 4 -0.43 -5.41 41.06
N ILE B 5 -1.47 -5.18 41.85
CA ILE B 5 -2.77 -5.77 41.54
C ILE B 5 -3.40 -5.21 40.27
N ASN B 6 -2.92 -4.06 39.82
CA ASN B 6 -3.40 -3.49 38.56
C ASN B 6 -2.38 -3.61 37.44
N SER B 7 -1.35 -4.42 37.64
CA SER B 7 -0.31 -4.59 36.63
C SER B 7 -0.81 -5.45 35.46
N ASP B 8 -0.19 -5.27 34.30
CA ASP B 8 -0.57 -6.04 33.11
C ASP B 8 0.32 -7.26 32.98
N PRO B 9 -0.27 -8.46 33.13
CA PRO B 9 0.46 -9.74 33.12
C PRO B 9 1.01 -10.08 31.74
N ASN B 10 0.43 -9.47 30.70
CA ASN B 10 0.82 -9.77 29.33
C ASN B 10 1.55 -8.62 28.64
N SER B 11 2.15 -7.72 29.41
CA SER B 11 2.86 -6.58 28.82
C SER B 11 4.25 -6.99 28.33
N ALA B 12 4.65 -6.42 27.19
CA ALA B 12 5.99 -6.63 26.66
C ALA B 12 6.99 -5.84 27.48
N ALA B 13 8.26 -6.01 27.16
CA ALA B 13 9.33 -5.32 27.88
C ALA B 13 9.13 -3.81 27.85
N PRO B 14 9.63 -3.11 28.87
CA PRO B 14 9.55 -1.66 28.93
C PRO B 14 10.19 -1.03 27.71
N ALA B 15 9.58 0.04 27.20
CA ALA B 15 10.18 0.81 26.14
C ALA B 15 11.55 1.29 26.60
N GLY B 16 12.54 1.18 25.73
CA GLY B 16 13.88 1.64 26.02
C GLY B 16 14.73 0.70 26.85
N SER B 17 14.34 -0.57 26.92
CA SER B 17 15.02 -1.53 27.79
C SER B 17 15.92 -2.58 27.10
N ILE B 18 15.67 -2.92 25.83
CA ILE B 18 16.46 -3.99 25.21
C ILE B 18 17.95 -3.68 25.16
N ASP B 19 18.77 -4.72 25.13
CA ASP B 19 20.19 -4.54 24.92
C ASP B 19 20.65 -5.14 23.61
N SER B 20 21.94 -5.39 23.49
CA SER B 20 22.53 -5.73 22.20
C SER B 20 23.01 -7.16 22.13
N LEU B 21 22.72 -7.96 23.15
CA LEU B 21 23.17 -9.35 23.17
C LEU B 21 22.13 -10.28 22.56
N GLY B 22 22.59 -11.42 22.06
CA GLY B 22 21.70 -12.40 21.47
C GLY B 22 22.00 -12.80 20.04
N ALA B 23 23.05 -12.23 19.43
CA ALA B 23 23.37 -12.56 18.05
C ALA B 23 23.54 -14.06 17.82
N THR B 24 23.06 -14.51 16.68
CA THR B 24 23.08 -15.91 16.26
C THR B 24 23.72 -16.01 14.87
N GLY B 25 23.88 -17.22 14.35
CA GLY B 25 24.32 -17.42 12.97
C GLY B 25 25.71 -16.87 12.67
N TRP B 26 25.91 -16.48 11.43
CA TRP B 26 27.25 -16.09 11.00
C TRP B 26 27.77 -14.88 11.79
N ALA B 27 26.89 -13.97 12.20
CA ALA B 27 27.33 -12.82 13.01
C ALA B 27 28.05 -13.22 14.28
N SER B 28 27.72 -14.42 14.80
CA SER B 28 28.25 -14.97 16.06
C SER B 28 29.44 -15.91 15.81
N HIS B 29 29.77 -16.16 14.56
CA HIS B 29 30.78 -17.17 14.26
C HIS B 29 32.18 -16.62 14.53
N GLY B 30 32.98 -17.39 15.26
CA GLY B 30 34.39 -17.07 15.42
C GLY B 30 34.63 -16.06 16.52
N THR B 31 34.05 -14.88 16.35
CA THR B 31 34.12 -13.82 17.36
C THR B 31 32.70 -13.26 17.50
N PRO B 32 32.33 -12.83 18.71
CA PRO B 32 30.92 -12.43 18.94
C PRO B 32 30.58 -11.03 18.45
N THR B 33 29.33 -10.84 18.02
CA THR B 33 28.79 -9.50 17.79
C THR B 33 28.18 -8.99 19.07
N THR B 34 28.61 -7.78 19.49
CA THR B 34 28.07 -7.15 20.69
C THR B 34 27.61 -5.70 20.43
N GLY B 35 27.88 -5.16 19.25
CA GLY B 35 27.52 -3.77 18.98
C GLY B 35 28.11 -2.82 20.02
N GLY B 36 27.28 -1.94 20.55
CA GLY B 36 27.71 -1.00 21.57
C GLY B 36 27.51 -1.44 23.01
N GLN B 37 27.28 -2.73 23.24
CA GLN B 37 27.11 -3.23 24.61
C GLN B 37 28.24 -2.72 25.50
N GLY B 38 27.87 -2.20 26.67
CA GLY B 38 28.86 -1.68 27.59
C GLY B 38 29.19 -0.20 27.40
N ALA B 39 28.49 0.46 26.46
CA ALA B 39 28.72 1.87 26.21
C ALA B 39 28.72 2.71 27.49
N ALA B 40 29.67 3.64 27.58
CA ALA B 40 29.65 4.64 28.66
C ALA B 40 28.34 5.42 28.63
N ALA B 41 27.99 6.00 29.77
CA ALA B 41 26.80 6.84 29.88
C ALA B 41 26.83 7.96 28.85
N GLU B 42 28.00 8.55 28.64
CA GLU B 42 28.11 9.65 27.69
C GLU B 42 27.97 9.20 26.24
N ARG B 43 28.05 7.89 26.00
CA ARG B 43 27.81 7.32 24.66
C ARG B 43 26.56 6.44 24.65
N THR B 44 25.65 6.74 25.57
CA THR B 44 24.31 6.16 25.57
C THR B 44 23.35 7.31 25.30
N TYR B 45 22.72 7.26 24.13
CA TYR B 45 21.95 8.39 23.61
C TYR B 45 20.52 7.98 23.28
N THR B 46 19.58 8.90 23.44
CA THR B 46 18.25 8.76 22.84
C THR B 46 18.16 9.86 21.81
N VAL B 47 17.85 9.48 20.56
CA VAL B 47 17.85 10.42 19.46
C VAL B 47 16.49 10.45 18.78
N ALA B 48 16.08 11.64 18.34
CA ALA B 48 14.72 11.85 17.83
C ALA B 48 14.70 12.58 16.49
N ASN B 49 15.87 12.86 15.94
CA ASN B 49 15.96 13.49 14.64
C ASN B 49 17.31 13.23 14.01
N ARG B 50 17.46 13.63 12.75
CA ARG B 50 18.67 13.33 12.00
C ARG B 50 19.92 13.96 12.61
N ASN B 51 19.82 15.19 13.10
CA ASN B 51 20.97 15.82 13.73
C ASN B 51 21.44 15.06 14.98
N GLU B 52 20.50 14.68 15.83
CA GLU B 52 20.86 13.95 17.04
C GLU B 52 21.47 12.59 16.71
N LEU B 53 20.93 11.91 15.71
CA LEU B 53 21.46 10.63 15.28
C LEU B 53 22.89 10.77 14.83
N ILE B 54 23.16 11.77 14.00
CA ILE B 54 24.51 12.01 13.51
C ILE B 54 25.46 12.35 14.66
N GLN B 55 25.05 13.23 15.56
CA GLN B 55 25.95 13.56 16.66
C GLN B 55 26.29 12.33 17.52
N ALA B 56 25.32 11.43 17.70
CA ALA B 56 25.60 10.22 18.46
C ALA B 56 26.63 9.36 17.71
N LEU B 57 26.46 9.23 16.39
CA LEU B 57 27.38 8.38 15.62
C LEU B 57 28.78 8.96 15.61
N TYR B 58 28.86 10.28 15.67
CA TYR B 58 30.13 10.99 15.58
C TYR B 58 30.67 11.45 16.94
N GLY B 59 30.06 10.97 18.03
CA GLY B 59 30.52 11.35 19.35
C GLY B 59 30.57 12.86 19.58
N ASN B 60 29.56 13.56 19.07
CA ASN B 60 29.45 15.01 19.19
C ASN B 60 30.56 15.79 18.50
N THR B 61 31.25 15.18 17.53
CA THR B 61 32.29 15.91 16.80
C THR B 61 31.79 16.44 15.47
N ALA B 62 30.55 16.14 15.11
CA ALA B 62 30.08 16.52 13.78
C ALA B 62 29.79 18.01 13.64
N VAL B 63 30.18 18.55 12.49
CA VAL B 63 29.62 19.82 12.05
C VAL B 63 28.64 19.47 10.95
N ILE B 64 27.36 19.73 11.20
CA ILE B 64 26.32 19.46 10.24
C ILE B 64 25.99 20.78 9.53
N ALA B 65 26.32 20.83 8.25
CA ALA B 65 26.18 22.02 7.42
C ALA B 65 24.72 22.32 7.13
N PRO B 66 24.43 23.51 6.56
CA PRO B 66 23.01 23.84 6.38
C PRO B 66 22.27 22.87 5.45
N ASP B 67 22.99 22.20 4.54
CA ASP B 67 22.35 21.21 3.69
C ASP B 67 22.13 19.86 4.39
N GLY B 68 22.65 19.69 5.62
CA GLY B 68 22.59 18.42 6.33
C GLY B 68 23.85 17.58 6.15
N SER B 69 24.74 17.99 5.25
CA SER B 69 25.94 17.18 5.03
C SER B 69 26.85 17.22 6.25
N VAL B 70 27.67 16.19 6.38
CA VAL B 70 28.37 15.93 7.63
C VAL B 70 29.89 15.95 7.48
N GLN B 71 30.56 16.65 8.40
CA GLN B 71 32.00 16.55 8.59
C GLN B 71 32.27 16.24 10.06
N GLY B 72 33.16 15.30 10.33
CA GLY B 72 33.48 14.98 11.70
C GLY B 72 34.22 13.67 11.83
N THR B 73 34.45 13.27 13.07
CA THR B 73 35.16 12.04 13.36
C THR B 73 34.17 10.97 13.81
N PRO B 74 33.95 9.95 12.99
CA PRO B 74 33.10 8.84 13.43
C PRO B 74 33.66 8.24 14.71
N ASP B 75 32.76 7.97 15.65
CA ASP B 75 33.18 7.50 16.97
C ASP B 75 33.25 5.97 16.97
N LYS B 76 34.44 5.42 17.19
CA LYS B 76 34.63 3.97 17.19
C LYS B 76 34.43 3.36 18.57
N ALA B 77 34.21 4.18 19.59
CA ALA B 77 33.93 3.63 20.91
C ALA B 77 32.52 3.04 20.96
N PRO B 78 32.32 2.04 21.83
CA PRO B 78 30.97 1.48 22.00
C PRO B 78 29.94 2.55 22.30
N LYS B 79 28.83 2.48 21.58
CA LYS B 79 27.75 3.44 21.74
C LYS B 79 26.41 2.73 21.60
N VAL B 80 25.45 3.15 22.41
CA VAL B 80 24.07 2.67 22.34
C VAL B 80 23.19 3.86 21.96
N ILE B 81 22.55 3.75 20.80
CA ILE B 81 21.74 4.84 20.27
C ILE B 81 20.30 4.36 20.17
N ARG B 82 19.46 4.90 21.04
CA ARG B 82 18.06 4.53 21.05
C ARG B 82 17.24 5.48 20.19
N ILE B 83 16.41 4.90 19.32
CA ILE B 83 15.65 5.68 18.34
C ILE B 83 14.27 5.97 18.90
N ARG B 84 13.99 7.25 19.09
CA ARG B 84 12.69 7.67 19.62
C ARG B 84 11.81 8.24 18.51
N GLY B 85 10.68 7.59 18.26
CA GLY B 85 9.74 8.05 17.25
C GLY B 85 10.30 7.95 15.83
N THR B 86 9.81 8.83 14.98
CA THR B 86 10.19 8.85 13.58
C THR B 86 11.33 9.79 13.30
N ILE B 87 12.40 9.25 12.72
CA ILE B 87 13.50 10.06 12.20
C ILE B 87 13.48 10.03 10.68
N ASP B 88 13.19 11.19 10.11
CA ASP B 88 13.23 11.40 8.67
C ASP B 88 14.67 11.74 8.30
N LEU B 89 15.30 10.91 7.48
CA LEU B 89 16.66 11.16 7.05
C LEU B 89 16.75 12.16 5.91
N ASN B 90 15.62 12.47 5.27
CA ASN B 90 15.59 13.37 4.11
C ASN B 90 15.31 14.82 4.55
N VAL B 91 16.15 15.33 5.46
CA VAL B 91 16.00 16.67 6.01
C VAL B 91 17.34 17.37 6.04
N ASP B 92 17.31 18.69 6.04
CA ASP B 92 18.54 19.48 6.02
C ASP B 92 19.12 19.74 7.41
N GLY B 93 20.14 20.60 7.51
CA GLY B 93 20.81 20.82 8.77
C GLY B 93 19.97 21.56 9.78
N GLN B 94 18.85 22.13 9.32
CA GLN B 94 17.91 22.81 10.21
C GLN B 94 16.69 21.92 10.46
N LEU B 95 16.76 20.67 10.02
CA LEU B 95 15.68 19.69 10.12
C LEU B 95 14.47 20.01 9.25
N ARG B 96 14.63 20.91 8.29
CA ARG B 96 13.54 21.15 7.35
CA ARG B 96 13.56 21.17 7.32
C ARG B 96 13.57 20.08 6.27
N PRO B 97 12.44 19.41 6.04
CA PRO B 97 12.45 18.33 5.03
C PRO B 97 12.80 18.84 3.66
N TYR B 98 13.51 18.00 2.94
CA TYR B 98 13.71 18.23 1.53
C TYR B 98 12.45 17.86 0.75
N THR B 99 12.36 18.42 -0.44
CA THR B 99 11.40 18.00 -1.46
C THR B 99 12.22 17.91 -2.75
N PRO B 100 11.66 17.28 -3.79
CA PRO B 100 12.42 17.25 -5.05
C PRO B 100 12.69 18.66 -5.56
N ASP B 101 11.72 19.58 -5.44
CA ASP B 101 11.97 20.96 -5.82
C ASP B 101 13.14 21.58 -5.05
N ARG B 102 13.22 21.31 -3.75
CA ARG B 102 14.32 21.83 -2.97
C ARG B 102 15.66 21.26 -3.42
N TYR B 103 15.72 19.97 -3.75
CA TYR B 103 16.98 19.43 -4.22
C TYR B 103 17.43 20.10 -5.52
N VAL B 104 16.47 20.50 -6.35
CA VAL B 104 16.80 21.24 -7.56
C VAL B 104 17.27 22.66 -7.19
N ALA B 105 16.53 23.35 -6.33
CA ALA B 105 16.86 24.74 -5.98
C ALA B 105 18.19 24.83 -5.23
N GLY B 106 18.50 23.80 -4.44
CA GLY B 106 19.65 23.90 -3.54
C GLY B 106 20.93 23.32 -4.14
N SER B 107 20.84 22.85 -5.38
CA SER B 107 21.98 22.19 -6.05
C SER B 107 22.26 22.84 -7.39
N CYS B 108 23.29 22.33 -8.07
CA CYS B 108 23.65 22.85 -9.37
C CYS B 108 22.61 22.57 -10.47
N ALA B 109 21.58 21.76 -10.16
CA ALA B 109 20.47 21.62 -11.10
C ALA B 109 19.86 22.96 -11.47
N SER B 110 19.81 23.87 -10.49
CA SER B 110 19.37 25.23 -10.73
C SER B 110 20.54 26.18 -10.98
N SER B 111 21.55 26.16 -10.10
CA SER B 111 22.57 27.21 -10.15
C SER B 111 23.47 27.14 -11.39
N VAL B 112 23.62 25.94 -11.95
CA VAL B 112 24.34 25.77 -13.21
C VAL B 112 23.37 25.53 -14.36
N HIS B 113 22.44 24.59 -14.19
CA HIS B 113 21.62 24.12 -15.31
C HIS B 113 20.30 24.85 -15.52
N GLY B 114 19.95 25.74 -14.60
CA GLY B 114 18.85 26.64 -14.80
C GLY B 114 17.44 26.16 -14.50
N TYR B 115 17.31 24.96 -13.94
CA TYR B 115 15.97 24.43 -13.68
C TYR B 115 15.26 25.16 -12.56
N ALA B 116 13.99 25.45 -12.77
CA ALA B 116 13.17 26.22 -11.84
C ALA B 116 12.29 25.32 -10.96
N SER B 117 12.23 24.02 -11.29
CA SER B 117 11.40 23.08 -10.53
C SER B 117 11.82 21.68 -10.91
N GLN B 118 11.48 20.72 -10.06
CA GLN B 118 11.68 19.33 -10.42
C GLN B 118 10.72 18.88 -11.54
N ALA B 119 9.49 19.41 -11.56
CA ALA B 119 8.55 19.00 -12.62
C ALA B 119 9.10 19.37 -14.00
N SER B 120 9.74 20.52 -14.10
CA SER B 120 10.36 20.98 -15.34
CA SER B 120 10.30 20.93 -15.39
C SER B 120 11.53 20.08 -15.73
N LEU B 121 12.38 19.79 -14.76
CA LEU B 121 13.50 18.90 -15.00
C LEU B 121 13.02 17.55 -15.51
N TRP B 122 12.01 16.99 -14.84
CA TRP B 122 11.51 15.66 -15.18
C TRP B 122 10.94 15.64 -16.59
N SER B 123 10.16 16.66 -16.96
CA SER B 123 9.62 16.74 -18.31
C SER B 123 10.74 16.79 -19.35
N ASP B 124 11.76 17.61 -19.12
CA ASP B 124 12.87 17.71 -20.08
C ASP B 124 13.65 16.40 -20.14
N TYR B 125 13.81 15.74 -18.99
CA TYR B 125 14.57 14.49 -18.93
C TYR B 125 13.91 13.42 -19.79
N LEU B 126 12.59 13.31 -19.65
CA LEU B 126 11.83 12.33 -20.43
C LEU B 126 11.87 12.64 -21.93
N ALA B 127 11.73 13.91 -22.28
CA ALA B 127 11.79 14.29 -23.69
C ALA B 127 13.15 13.98 -24.30
N ALA B 128 14.22 14.18 -23.52
CA ALA B 128 15.58 13.96 -24.03
C ALA B 128 15.90 12.48 -24.16
N TYR B 129 15.43 11.66 -23.23
CA TYR B 129 16.02 10.34 -23.07
C TYR B 129 15.09 9.18 -23.36
N ARG B 130 13.83 9.47 -23.72
CA ARG B 130 12.89 8.39 -24.04
C ARG B 130 13.47 7.56 -25.21
N PRO B 131 13.11 6.28 -25.27
CA PRO B 131 13.69 5.40 -26.31
C PRO B 131 13.56 5.94 -27.73
N GLY B 132 12.42 6.53 -28.09
CA GLY B 132 12.24 7.02 -29.44
C GLY B 132 13.00 8.30 -29.75
N ALA B 133 13.59 8.93 -28.74
CA ALA B 133 14.41 10.13 -28.97
C ALA B 133 15.89 9.83 -28.84
N TRP B 134 16.24 8.95 -27.89
CA TRP B 134 17.65 8.73 -27.54
C TRP B 134 18.20 7.40 -28.01
N GLY B 135 17.32 6.41 -28.16
CA GLY B 135 17.76 5.08 -28.51
C GLY B 135 18.35 4.32 -27.34
N ASN B 136 19.05 3.23 -27.63
CA ASN B 136 19.51 2.32 -26.61
C ASN B 136 21.00 1.99 -26.72
N ALA B 137 21.75 2.77 -27.49
CA ALA B 137 23.15 2.44 -27.77
C ALA B 137 24.12 3.04 -26.76
N ARG B 138 23.67 4.06 -26.03
CA ARG B 138 24.59 4.73 -25.12
CA ARG B 138 24.58 4.79 -25.18
C ARG B 138 23.87 5.31 -23.94
N THR B 139 24.60 5.43 -22.82
CA THR B 139 24.04 6.01 -21.61
C THR B 139 23.71 7.49 -21.84
N VAL B 140 22.85 8.03 -20.99
CA VAL B 140 22.32 9.37 -21.22
C VAL B 140 23.35 10.44 -20.87
N SER B 141 23.30 11.56 -21.59
CA SER B 141 24.21 12.67 -21.34
C SER B 141 23.54 13.96 -21.80
N GLY B 142 24.02 15.09 -21.30
CA GLY B 142 23.47 16.38 -21.65
C GLY B 142 22.85 17.07 -20.45
N LYS B 143 22.24 18.23 -20.70
CA LYS B 143 21.80 19.11 -19.64
C LYS B 143 20.85 18.46 -18.61
N PRO B 144 19.77 17.80 -19.07
CA PRO B 144 18.86 17.25 -18.05
C PRO B 144 19.53 16.16 -17.20
N GLU B 145 20.41 15.36 -17.80
CA GLU B 145 21.13 14.37 -17.02
C GLU B 145 22.11 15.02 -16.02
N ASP B 146 22.83 16.06 -16.45
CA ASP B 146 23.72 16.74 -15.54
C ASP B 146 22.95 17.37 -14.39
N ALA B 147 21.80 17.95 -14.69
CA ALA B 147 20.96 18.52 -13.64
C ALA B 147 20.45 17.45 -12.66
N ARG B 148 19.98 16.33 -13.20
CA ARG B 148 19.55 15.20 -12.36
C ARG B 148 20.71 14.78 -11.46
N ALA B 149 21.90 14.63 -12.04
CA ALA B 149 23.06 14.18 -11.29
C ALA B 149 23.42 15.18 -10.17
N CYS B 150 23.25 16.48 -10.41
CA CYS B 150 23.45 17.48 -9.36
C CYS B 150 22.53 17.25 -8.17
N ALA B 151 21.25 17.10 -8.47
CA ALA B 151 20.23 16.94 -7.43
C ALA B 151 20.45 15.61 -6.69
N ALA B 152 20.78 14.55 -7.43
CA ALA B 152 20.99 13.21 -6.86
C ALA B 152 22.21 13.21 -5.93
N GLU B 153 23.26 13.95 -6.28
CA GLU B 153 24.45 14.00 -5.46
C GLU B 153 24.17 14.72 -4.14
N LEU B 154 23.37 15.78 -4.20
CA LEU B 154 22.98 16.43 -2.95
C LEU B 154 22.15 15.47 -2.08
N GLN B 155 21.17 14.80 -2.70
CA GLN B 155 20.39 13.85 -1.91
C GLN B 155 21.26 12.74 -1.31
N ARG B 156 22.22 12.24 -2.08
CA ARG B 156 23.09 11.16 -1.58
C ARG B 156 23.78 11.60 -0.29
N ARG B 157 24.26 12.83 -0.26
CA ARG B 157 24.98 13.36 0.90
C ARG B 157 24.09 13.62 2.10
N VAL B 158 22.79 13.71 1.87
CA VAL B 158 21.81 13.90 2.93
C VAL B 158 21.31 12.57 3.50
N VAL B 159 20.86 11.68 2.63
CA VAL B 159 20.12 10.49 3.10
C VAL B 159 21.02 9.32 3.48
N THR B 160 22.31 9.39 3.13
CA THR B 160 23.27 8.32 3.44
CA THR B 160 23.20 8.28 3.48
C THR B 160 23.92 8.58 4.77
N ILE B 161 23.79 7.66 5.72
CA ILE B 161 24.28 7.84 7.09
C ILE B 161 25.32 6.79 7.37
N SER B 162 26.55 7.20 7.65
CA SER B 162 27.63 6.27 7.88
C SER B 162 27.61 5.77 9.32
N VAL B 163 27.68 4.44 9.49
CA VAL B 163 27.67 3.85 10.82
C VAL B 163 29.06 3.30 11.17
N PRO B 164 29.62 3.71 12.33
CA PRO B 164 30.97 3.31 12.72
C PRO B 164 31.02 2.02 13.55
N ASP B 165 32.23 1.56 13.84
CA ASP B 165 32.47 0.41 14.70
C ASP B 165 31.68 0.48 16.01
N ASN B 166 31.30 -0.69 16.52
CA ASN B 166 30.83 -0.82 17.91
C ASN B 166 29.59 0.02 18.18
N THR B 167 28.59 -0.14 17.32
CA THR B 167 27.40 0.69 17.37
C THR B 167 26.15 -0.18 17.51
N SER B 168 25.30 0.19 18.46
CA SER B 168 23.95 -0.37 18.53
C SER B 168 22.92 0.70 18.22
N LEU B 169 22.01 0.40 17.30
CA LEU B 169 20.83 1.22 17.04
C LEU B 169 19.63 0.41 17.54
N LEU B 170 18.97 0.92 18.58
CA LEU B 170 17.92 0.18 19.26
C LEU B 170 16.65 1.00 19.31
N GLY B 171 15.64 0.59 18.56
CA GLY B 171 14.41 1.33 18.57
C GLY B 171 13.72 1.28 19.92
N ILE B 172 13.07 2.37 20.30
CA ILE B 172 12.28 2.44 21.53
C ILE B 172 10.82 2.13 21.22
N GLY B 173 10.26 1.17 21.94
CA GLY B 173 8.83 0.96 21.87
C GLY B 173 8.34 0.36 20.57
N THR B 174 7.18 0.83 20.15
CA THR B 174 6.51 0.26 18.98
C THR B 174 6.49 1.19 17.78
N ASP B 175 7.09 2.37 17.91
CA ASP B 175 6.97 3.37 16.86
C ASP B 175 8.31 4.03 16.49
N ALA B 176 9.42 3.33 16.73
CA ALA B 176 10.71 3.80 16.28
C ALA B 176 10.81 3.58 14.78
N LYS B 177 11.09 4.64 14.02
CA LYS B 177 11.13 4.52 12.58
CA LYS B 177 11.09 4.54 12.58
C LYS B 177 12.25 5.35 12.01
N ILE B 178 12.87 4.81 10.97
CA ILE B 178 13.89 5.57 10.22
C ILE B 178 13.43 5.57 8.78
N LEU B 179 13.17 6.78 8.26
CA LEU B 179 12.54 6.94 6.95
C LEU B 179 13.46 7.60 5.93
N HIS B 180 13.31 7.18 4.67
CA HIS B 180 13.80 7.97 3.53
C HIS B 180 15.31 7.98 3.33
N GLY B 181 16.03 7.05 3.93
CA GLY B 181 17.46 7.04 3.73
C GLY B 181 18.11 5.69 3.90
N ASN B 182 19.43 5.71 4.01
CA ASN B 182 20.27 4.54 3.81
C ASN B 182 21.35 4.50 4.86
N LEU B 183 21.33 3.50 5.76
CA LEU B 183 22.46 3.30 6.65
C LEU B 183 23.56 2.61 5.87
N MET B 184 24.76 3.15 5.97
CA MET B 184 25.92 2.64 5.25
C MET B 184 26.89 2.04 6.24
N LEU B 185 27.07 0.72 6.17
CA LEU B 185 27.93 0.05 7.14
C LEU B 185 29.31 -0.13 6.52
N GLY B 186 30.15 0.89 6.69
CA GLY B 186 31.52 0.86 6.21
C GLY B 186 31.71 1.48 4.83
N THR B 187 32.92 1.96 4.59
CA THR B 187 33.32 2.49 3.29
C THR B 187 34.63 1.79 2.86
N PRO B 188 35.03 1.92 1.59
CA PRO B 188 36.27 1.26 1.16
C PRO B 188 37.46 1.68 2.01
N ASP B 189 37.55 2.96 2.32
CA ASP B 189 38.66 3.51 3.09
CA ASP B 189 38.68 3.47 3.08
C ASP B 189 38.55 3.20 4.57
N ALA B 190 37.32 3.03 5.05
CA ALA B 190 37.09 2.82 6.47
C ALA B 190 36.06 1.70 6.67
N PRO B 191 36.51 0.45 6.52
CA PRO B 191 35.65 -0.67 6.89
C PRO B 191 35.35 -0.64 8.38
N VAL B 192 34.23 -1.22 8.76
CA VAL B 192 33.78 -1.22 10.14
C VAL B 192 33.44 -2.63 10.63
N ALA B 193 33.24 -2.77 11.93
CA ALA B 193 32.85 -4.06 12.47
C ALA B 193 32.05 -3.88 13.72
N ASN B 194 31.20 -4.87 13.99
CA ASN B 194 30.53 -5.03 15.28
C ASN B 194 29.35 -4.06 15.48
N ILE B 195 28.26 -4.37 14.78
CA ILE B 195 27.10 -3.47 14.70
C ILE B 195 25.83 -4.27 14.97
N VAL B 196 24.95 -3.71 15.82
CA VAL B 196 23.67 -4.33 16.17
C VAL B 196 22.56 -3.34 15.87
N ILE B 197 21.51 -3.80 15.18
CA ILE B 197 20.37 -2.98 14.82
C ILE B 197 19.11 -3.74 15.17
N ARG B 198 18.31 -3.20 16.08
CA ARG B 198 17.10 -3.90 16.56
C ARG B 198 15.91 -2.98 16.75
N ASN B 199 14.72 -3.52 16.55
CA ASN B 199 13.45 -2.89 16.95
C ASN B 199 13.11 -1.57 16.25
N ILE B 200 13.52 -1.45 14.99
CA ILE B 200 13.26 -0.24 14.22
C ILE B 200 12.46 -0.60 12.97
N THR B 201 11.53 0.28 12.59
CA THR B 201 10.85 0.16 11.30
C THR B 201 11.55 1.07 10.31
N PHE B 202 12.16 0.46 9.31
CA PHE B 202 12.85 1.16 8.22
C PHE B 202 11.90 1.23 7.03
N GLU B 203 11.68 2.43 6.49
CA GLU B 203 10.77 2.57 5.34
C GLU B 203 11.29 3.47 4.25
N ASP B 204 11.04 3.03 3.02
CA ASP B 204 11.00 3.92 1.86
C ASP B 204 12.28 4.71 1.62
N ALA B 205 13.36 3.99 1.29
CA ALA B 205 14.61 4.62 0.89
C ALA B 205 14.42 5.03 -0.56
N PHE B 206 13.80 6.20 -0.73
CA PHE B 206 13.28 6.66 -2.00
C PHE B 206 14.30 7.57 -2.69
N ASP B 207 14.72 7.17 -3.89
CA ASP B 207 15.62 7.98 -4.68
C ASP B 207 14.77 8.93 -5.51
N ASP B 208 14.86 10.22 -5.22
CA ASP B 208 14.06 11.22 -5.90
C ASP B 208 14.52 11.49 -7.30
N PHE B 209 15.71 10.97 -7.67
CA PHE B 209 16.34 11.29 -8.94
C PHE B 209 16.92 10.04 -9.60
N PRO B 210 16.06 9.04 -9.87
CA PRO B 210 16.55 7.81 -10.53
C PRO B 210 17.07 8.12 -11.93
N GLN B 211 18.04 7.33 -12.37
CA GLN B 211 18.64 7.52 -13.68
C GLN B 211 18.07 6.51 -14.67
N TRP B 212 17.77 6.93 -15.90
CA TRP B 212 17.42 5.98 -16.96
C TRP B 212 18.69 5.49 -17.60
N ASP B 213 18.86 4.18 -17.69
CA ASP B 213 19.99 3.59 -18.40
C ASP B 213 19.44 2.84 -19.60
N PRO B 214 19.54 3.45 -20.80
CA PRO B 214 19.03 2.86 -22.05
C PRO B 214 19.65 1.51 -22.35
N THR B 215 20.80 1.21 -21.78
CA THR B 215 21.55 0.01 -22.15
C THR B 215 21.33 -1.17 -21.19
N ASP B 216 20.71 -0.91 -20.04
CA ASP B 216 20.53 -1.93 -19.01
C ASP B 216 19.53 -2.98 -19.49
N SER B 217 19.95 -4.25 -19.52
CA SER B 217 19.10 -5.36 -19.91
C SER B 217 18.57 -5.18 -21.34
N SER B 218 19.42 -4.60 -22.18
N SER B 218 19.42 -4.60 -22.18
CA SER B 218 19.16 -4.39 -23.61
CA SER B 218 19.17 -4.39 -23.62
C SER B 218 18.16 -3.29 -23.90
C SER B 218 18.15 -3.30 -23.91
N ASP B 219 16.97 -3.40 -23.31
CA ASP B 219 15.91 -2.44 -23.58
C ASP B 219 15.97 -1.20 -22.69
N GLY B 220 16.69 -1.28 -21.57
CA GLY B 220 16.78 -0.16 -20.65
C GLY B 220 16.06 -0.38 -19.34
N ARG B 221 16.56 0.26 -18.28
CA ARG B 221 15.93 0.21 -16.96
C ARG B 221 16.17 1.54 -16.25
N TRP B 222 15.23 1.89 -15.36
CA TRP B 222 15.47 2.94 -14.36
C TRP B 222 16.19 2.36 -13.17
N ASN B 223 17.19 3.06 -12.66
CA ASN B 223 17.93 2.59 -11.50
C ASN B 223 18.05 3.64 -10.42
N SER B 224 17.95 3.18 -9.18
CA SER B 224 18.04 4.04 -8.00
C SER B 224 19.19 3.59 -7.12
N GLU B 225 19.57 4.45 -6.18
CA GLU B 225 20.84 4.28 -5.49
C GLU B 225 20.79 3.92 -4.02
N TYR B 226 19.62 3.94 -3.40
CA TYR B 226 19.54 3.84 -1.94
C TYR B 226 18.87 2.57 -1.44
N ASP B 227 19.62 1.82 -0.65
CA ASP B 227 19.09 0.70 0.12
C ASP B 227 18.62 1.23 1.46
N LEU B 228 17.84 0.45 2.21
CA LEU B 228 17.62 0.83 3.61
C LEU B 228 18.90 0.60 4.45
N ILE B 229 19.58 -0.52 4.22
CA ILE B 229 20.89 -0.77 4.83
C ILE B 229 21.80 -1.34 3.76
N SER B 230 22.98 -0.74 3.60
CA SER B 230 24.02 -1.27 2.71
C SER B 230 25.14 -1.84 3.56
N VAL B 231 25.51 -3.09 3.31
CA VAL B 231 26.59 -3.73 4.06
C VAL B 231 27.67 -4.13 3.07
N ALA B 232 28.53 -3.17 2.73
CA ALA B 232 29.58 -3.42 1.75
C ALA B 232 30.98 -3.48 2.37
N HIS B 233 31.13 -2.95 3.58
CA HIS B 233 32.46 -2.90 4.20
C HIS B 233 32.31 -3.05 5.71
N ALA B 234 31.51 -4.02 6.13
CA ALA B 234 31.32 -4.28 7.55
C ALA B 234 31.33 -5.77 7.81
N SER B 235 31.84 -6.14 8.97
CA SER B 235 31.87 -7.52 9.44
CA SER B 235 31.77 -7.52 9.41
CA SER B 235 31.87 -7.52 9.45
C SER B 235 31.22 -7.60 10.82
N HIS B 236 30.49 -8.68 11.08
CA HIS B 236 29.87 -8.94 12.38
C HIS B 236 28.75 -7.93 12.65
N VAL B 237 27.63 -8.21 12.00
CA VAL B 237 26.48 -7.31 11.98
C VAL B 237 25.25 -8.15 12.26
N TRP B 238 24.49 -7.73 13.28
CA TRP B 238 23.28 -8.43 13.69
C TRP B 238 22.09 -7.50 13.52
N ILE B 239 21.18 -7.89 12.62
CA ILE B 239 19.99 -7.12 12.28
C ILE B 239 18.79 -7.94 12.72
N ASP B 240 18.16 -7.52 13.81
CA ASP B 240 17.22 -8.37 14.52
C ASP B 240 15.93 -7.64 14.93
N HIS B 241 14.79 -8.26 14.68
CA HIS B 241 13.49 -7.72 15.12
C HIS B 241 13.25 -6.30 14.60
N ASN B 242 13.55 -6.09 13.32
CA ASN B 242 13.21 -4.83 12.64
C ASN B 242 12.13 -5.12 11.61
N THR B 243 11.52 -4.05 11.13
CA THR B 243 10.62 -4.13 9.99
C THR B 243 11.20 -3.30 8.86
N PHE B 244 11.09 -3.79 7.62
CA PHE B 244 11.60 -3.05 6.46
C PHE B 244 10.53 -3.10 5.37
N SER B 245 10.23 -1.98 4.73
CA SER B 245 9.28 -1.99 3.63
C SER B 245 9.42 -0.72 2.80
N ASP B 246 8.70 -0.67 1.67
CA ASP B 246 8.65 0.57 0.89
C ASP B 246 7.66 1.60 1.44
N GLY B 247 7.09 1.33 2.61
CA GLY B 247 6.31 2.35 3.28
C GLY B 247 5.14 2.86 2.46
N ASP B 248 4.97 4.18 2.46
CA ASP B 248 3.87 4.87 1.77
CA ASP B 248 3.77 4.68 1.78
C ASP B 248 3.91 4.77 0.26
N ARG B 249 5.10 4.53 -0.27
CA ARG B 249 5.35 4.68 -1.71
C ARG B 249 5.74 3.37 -2.35
N HIS B 250 4.74 2.62 -2.78
CA HIS B 250 4.98 1.33 -3.39
C HIS B 250 5.25 1.47 -4.89
N ASP B 251 6.05 0.57 -5.44
CA ASP B 251 6.56 0.73 -6.79
C ASP B 251 5.48 0.86 -7.84
N HIS B 252 4.35 0.17 -7.70
CA HIS B 252 3.40 0.24 -8.79
C HIS B 252 2.78 1.63 -8.92
N ALA B 253 2.92 2.46 -7.87
CA ALA B 253 2.46 3.86 -7.92
C ALA B 253 3.33 4.74 -8.82
N PHE B 254 4.45 4.22 -9.30
CA PHE B 254 5.42 4.96 -10.12
C PHE B 254 5.69 4.16 -11.39
N PRO B 255 4.69 4.14 -12.30
CA PRO B 255 4.73 3.25 -13.45
C PRO B 255 5.67 3.78 -14.54
N SER B 256 5.80 3.03 -15.62
CA SER B 256 6.57 3.54 -16.75
C SER B 256 6.07 4.90 -17.19
N VAL B 257 7.00 5.76 -17.57
CA VAL B 257 6.68 7.04 -18.17
C VAL B 257 6.92 7.05 -19.68
N TRP B 258 7.25 5.90 -20.25
CA TRP B 258 7.45 5.82 -21.71
C TRP B 258 6.18 5.29 -22.37
N HIS B 259 5.86 5.80 -23.55
CA HIS B 259 4.69 5.29 -24.24
C HIS B 259 4.91 4.86 -25.68
N GLU B 260 6.16 4.86 -26.15
CA GLU B 260 6.42 4.37 -27.49
C GLU B 260 6.57 2.84 -27.51
N THR B 261 6.36 2.28 -28.69
CA THR B 261 6.63 0.88 -28.93
C THR B 261 7.57 0.81 -30.09
N VAL B 262 8.80 0.36 -29.83
CA VAL B 262 9.84 0.33 -30.85
C VAL B 262 10.67 -0.93 -30.64
N HIS B 263 11.25 -1.40 -31.73
CA HIS B 263 12.01 -2.65 -31.74
C HIS B 263 11.33 -3.79 -30.97
N GLY B 264 10.01 -3.89 -31.13
CA GLY B 264 9.23 -4.95 -30.53
C GLY B 264 8.98 -4.80 -29.04
N THR B 265 9.33 -3.64 -28.49
CA THR B 265 9.26 -3.43 -27.05
C THR B 265 8.18 -2.42 -26.73
N ASP B 266 7.18 -2.85 -25.98
CA ASP B 266 6.16 -1.96 -25.43
C ASP B 266 6.76 -1.29 -24.20
N TYR B 267 7.19 -0.04 -24.35
CA TYR B 267 7.90 0.62 -23.29
C TYR B 267 7.01 1.12 -22.17
N SER B 268 5.69 0.98 -22.33
CA SER B 268 4.78 1.26 -21.22
C SER B 268 4.64 0.09 -20.24
N GLY B 269 5.30 -1.04 -20.54
CA GLY B 269 5.21 -2.20 -19.67
C GLY B 269 5.94 -2.01 -18.33
N GLY B 270 5.60 -2.86 -17.37
CA GLY B 270 6.09 -2.74 -16.01
C GLY B 270 7.60 -2.87 -15.82
N ASP B 271 8.28 -3.53 -16.77
CA ASP B 271 9.74 -3.61 -16.66
C ASP B 271 10.36 -2.22 -16.72
N PHE B 272 9.62 -1.26 -17.27
CA PHE B 272 10.12 0.11 -17.48
C PHE B 272 9.56 1.07 -16.44
N LYS B 273 9.04 0.54 -15.33
CA LYS B 273 8.58 1.40 -14.24
C LYS B 273 9.73 2.27 -13.74
N VAL B 274 9.37 3.44 -13.22
CA VAL B 274 10.37 4.34 -12.65
C VAL B 274 10.69 3.84 -11.24
N GLN B 275 11.73 3.02 -11.16
CA GLN B 275 12.09 2.38 -9.91
C GLN B 275 12.84 3.37 -9.01
N HIS B 276 12.21 3.75 -7.90
CA HIS B 276 12.79 4.68 -6.94
C HIS B 276 13.47 3.99 -5.77
N HIS B 277 13.42 2.67 -5.72
CA HIS B 277 14.03 1.90 -4.65
C HIS B 277 15.17 1.05 -5.15
N ASP B 278 15.97 0.55 -4.22
CA ASP B 278 17.01 -0.42 -4.54
C ASP B 278 16.81 -1.61 -3.61
N GLY B 279 17.76 -1.94 -2.75
CA GLY B 279 17.59 -3.09 -1.87
C GLY B 279 16.93 -2.77 -0.55
N LEU B 280 16.49 -3.80 0.15
CA LEU B 280 16.18 -3.63 1.57
C LEU B 280 17.50 -3.67 2.34
N VAL B 281 18.16 -4.83 2.34
CA VAL B 281 19.50 -4.96 2.90
C VAL B 281 20.36 -5.67 1.86
N ASP B 282 21.35 -4.98 1.30
CA ASP B 282 22.26 -5.58 0.34
C ASP B 282 23.62 -5.81 0.99
N VAL B 283 24.16 -7.01 0.81
CA VAL B 283 25.47 -7.36 1.37
C VAL B 283 26.37 -7.65 0.19
N THR B 284 27.35 -6.78 -0.02
CA THR B 284 28.21 -6.87 -1.22
C THR B 284 29.67 -6.69 -0.81
N ARG B 285 30.58 -6.88 -1.75
CA ARG B 285 31.99 -6.56 -1.56
C ARG B 285 32.57 -7.27 -0.33
N HIS B 286 32.95 -6.51 0.71
CA HIS B 286 33.50 -7.13 1.91
C HIS B 286 32.54 -7.20 3.09
N GLY B 287 31.25 -7.06 2.83
CA GLY B 287 30.27 -7.39 3.85
C GLY B 287 30.43 -8.85 4.25
N ASN B 288 30.41 -9.15 5.55
CA ASN B 288 30.70 -10.51 6.00
C ASN B 288 30.21 -10.75 7.41
N TYR B 289 29.84 -12.00 7.71
CA TYR B 289 29.36 -12.37 9.04
C TYR B 289 28.16 -11.52 9.46
N VAL B 290 27.10 -11.63 8.67
CA VAL B 290 25.89 -10.86 8.89
C VAL B 290 24.77 -11.82 9.23
N THR B 291 23.99 -11.52 10.26
CA THR B 291 22.78 -12.30 10.56
C THR B 291 21.57 -11.39 10.56
N LEU B 292 20.56 -11.78 9.80
CA LEU B 292 19.27 -11.12 9.79
C LEU B 292 18.27 -12.09 10.40
N SER B 293 17.81 -11.76 11.61
CA SER B 293 16.96 -12.65 12.38
C SER B 293 15.66 -11.95 12.81
N ASN B 294 14.56 -12.69 12.72
CA ASN B 294 13.30 -12.25 13.32
C ASN B 294 12.80 -10.91 12.79
N ASN B 295 13.08 -10.60 11.52
CA ASN B 295 12.62 -9.36 10.91
C ASN B 295 11.37 -9.57 10.09
N HIS B 296 10.63 -8.48 9.85
CA HIS B 296 9.51 -8.48 8.94
C HIS B 296 9.90 -7.63 7.75
N PHE B 297 10.14 -8.28 6.61
CA PHE B 297 10.49 -7.60 5.37
C PHE B 297 9.26 -7.66 4.48
N HIS B 298 8.73 -6.53 4.04
CA HIS B 298 7.55 -6.59 3.21
C HIS B 298 7.43 -5.49 2.18
N ASP B 299 6.69 -5.79 1.10
CA ASP B 299 6.27 -4.78 0.14
C ASP B 299 7.47 -4.07 -0.50
N HIS B 300 8.16 -4.81 -1.36
CA HIS B 300 9.38 -4.34 -1.98
C HIS B 300 9.71 -5.28 -3.14
N ASP B 301 10.43 -4.76 -4.13
CA ASP B 301 10.79 -5.53 -5.31
C ASP B 301 12.03 -6.39 -5.04
N LYS B 302 13.22 -5.78 -5.11
CA LYS B 302 14.48 -6.53 -5.06
C LYS B 302 15.02 -6.51 -3.63
N ALA B 303 14.78 -7.57 -2.87
CA ALA B 303 14.96 -7.50 -1.41
C ALA B 303 16.43 -7.55 -0.95
N PHE B 304 17.15 -8.61 -1.29
CA PHE B 304 18.50 -8.84 -0.75
C PHE B 304 19.45 -9.27 -1.85
N LEU B 305 20.33 -8.37 -2.25
CA LEU B 305 21.40 -8.66 -3.17
C LEU B 305 22.59 -9.09 -2.32
N ILE B 306 22.94 -10.37 -2.38
CA ILE B 306 24.14 -10.86 -1.70
C ILE B 306 25.15 -11.11 -2.80
N GLY B 307 26.10 -10.19 -2.94
CA GLY B 307 27.07 -10.20 -4.03
C GLY B 307 26.55 -9.48 -5.26
N GLY B 308 27.21 -8.40 -5.65
CA GLY B 308 26.70 -7.53 -6.72
C GLY B 308 27.21 -7.80 -8.13
N THR B 309 28.08 -8.78 -8.30
CA THR B 309 28.63 -9.04 -9.64
C THR B 309 29.01 -10.50 -9.86
N ASP B 310 28.85 -10.98 -11.08
CA ASP B 310 29.31 -12.32 -11.47
C ASP B 310 30.82 -12.40 -11.57
N VAL B 311 31.47 -11.24 -11.72
CA VAL B 311 32.90 -11.22 -11.98
C VAL B 311 33.65 -11.56 -10.71
N PRO B 312 34.43 -12.67 -10.72
CA PRO B 312 35.17 -13.02 -9.51
C PRO B 312 36.30 -12.03 -9.28
N GLY B 313 36.60 -11.75 -8.02
CA GLY B 313 37.66 -10.82 -7.71
C GLY B 313 37.72 -10.55 -6.22
N ALA B 314 38.86 -10.06 -5.76
CA ALA B 314 39.12 -9.89 -4.33
C ALA B 314 38.23 -8.83 -3.69
N ASP B 315 37.86 -7.81 -4.47
CA ASP B 315 37.06 -6.71 -3.96
CA ASP B 315 37.06 -6.70 -3.97
C ASP B 315 35.56 -7.01 -3.97
N SER B 316 35.03 -7.49 -5.09
CA SER B 316 33.57 -7.52 -5.29
CA SER B 316 33.56 -7.54 -5.25
C SER B 316 32.93 -8.87 -5.63
N GLY B 317 33.73 -9.88 -5.90
CA GLY B 317 33.20 -11.20 -6.23
C GLY B 317 34.04 -12.24 -5.53
N ASN B 318 34.07 -12.14 -4.20
CA ASN B 318 35.00 -12.88 -3.38
C ASN B 318 34.29 -13.97 -2.59
N PRO B 319 34.60 -15.24 -2.89
CA PRO B 319 33.90 -16.34 -2.21
C PRO B 319 34.30 -16.53 -0.75
N ARG B 320 35.21 -15.70 -0.25
CA ARG B 320 35.56 -15.72 1.16
C ARG B 320 34.76 -14.69 1.97
N MET B 321 33.96 -13.88 1.28
CA MET B 321 33.13 -12.87 1.92
C MET B 321 31.67 -13.29 1.85
N LEU B 322 30.78 -12.39 2.29
CA LEU B 322 29.34 -12.53 2.01
C LEU B 322 28.70 -13.71 2.75
N LYS B 323 29.21 -14.00 3.95
CA LYS B 323 28.63 -15.02 4.82
C LYS B 323 27.44 -14.42 5.57
N VAL B 324 26.24 -14.87 5.23
CA VAL B 324 25.01 -14.28 5.74
C VAL B 324 24.06 -15.38 6.21
N THR B 325 23.45 -15.18 7.37
CA THR B 325 22.41 -16.06 7.90
C THR B 325 21.08 -15.32 7.95
N PHE B 326 20.03 -15.92 7.41
CA PHE B 326 18.65 -15.40 7.54
C PHE B 326 17.84 -16.43 8.33
N HIS B 327 17.29 -16.05 9.47
CA HIS B 327 16.35 -16.96 10.15
C HIS B 327 15.23 -16.24 10.87
N GLY B 328 14.07 -16.89 10.95
CA GLY B 328 12.95 -16.37 11.71
C GLY B 328 12.28 -15.18 11.05
N ASN B 329 12.61 -14.88 9.78
CA ASN B 329 12.05 -13.72 9.12
C ASN B 329 10.74 -14.01 8.42
N HIS B 330 9.93 -12.97 8.30
CA HIS B 330 8.72 -12.98 7.48
C HIS B 330 9.05 -12.22 6.20
N PHE B 331 9.08 -12.93 5.06
CA PHE B 331 9.38 -12.36 3.75
C PHE B 331 8.03 -12.24 3.05
N GLN B 332 7.41 -11.07 3.14
CA GLN B 332 6.02 -10.91 2.72
C GLN B 332 5.91 -9.92 1.57
N ASN B 333 5.19 -10.27 0.50
CA ASN B 333 4.99 -9.30 -0.58
C ASN B 333 6.33 -8.77 -1.13
N LEU B 334 7.31 -9.66 -1.27
CA LEU B 334 8.58 -9.34 -1.92
C LEU B 334 8.58 -10.00 -3.29
N ARG B 335 9.04 -9.26 -4.29
CA ARG B 335 8.98 -9.87 -5.61
CA ARG B 335 9.03 -9.78 -5.65
C ARG B 335 10.15 -10.78 -5.87
N GLN B 336 11.39 -10.44 -5.52
CA GLN B 336 12.55 -11.25 -5.91
C GLN B 336 13.74 -10.97 -5.01
N ARG B 337 14.84 -11.65 -5.30
CA ARG B 337 16.05 -11.58 -4.47
C ARG B 337 15.74 -11.87 -3.00
N GLN B 338 15.14 -13.02 -2.73
CA GLN B 338 14.83 -13.36 -1.35
C GLN B 338 15.38 -14.73 -0.95
N ALA B 339 16.71 -14.90 -0.95
CA ALA B 339 17.75 -13.92 -1.30
C ALA B 339 18.38 -14.31 -2.64
N ARG B 340 19.01 -13.34 -3.33
CA ARG B 340 19.80 -13.66 -4.53
C ARG B 340 21.26 -13.77 -4.11
N VAL B 341 21.85 -14.94 -4.27
CA VAL B 341 23.16 -15.20 -3.66
C VAL B 341 24.28 -15.50 -4.67
N ARG B 342 25.26 -14.60 -4.76
CA ARG B 342 26.53 -14.87 -5.43
C ARG B 342 27.62 -14.99 -4.40
N TYR B 343 28.57 -15.89 -4.67
CA TYR B 343 29.85 -16.01 -3.95
C TYR B 343 29.83 -16.40 -2.46
N GLY B 344 28.79 -16.01 -1.72
CA GLY B 344 28.77 -16.26 -0.29
C GLY B 344 28.15 -17.57 0.14
N MET B 345 28.54 -17.99 1.34
CA MET B 345 27.90 -19.08 2.06
C MET B 345 26.72 -18.54 2.86
N VAL B 346 25.51 -18.82 2.38
CA VAL B 346 24.31 -18.20 2.94
C VAL B 346 23.37 -19.29 3.45
N HIS B 347 22.95 -19.13 4.70
CA HIS B 347 22.07 -20.09 5.37
C HIS B 347 20.71 -19.42 5.60
N LEU B 348 19.65 -20.04 5.10
CA LEU B 348 18.30 -19.54 5.35
C LEU B 348 17.54 -20.65 6.04
N TYR B 349 17.15 -20.41 7.29
CA TYR B 349 16.35 -21.41 8.01
C TYR B 349 15.18 -20.80 8.78
N ASN B 350 14.09 -21.56 8.84
CA ASN B 350 12.92 -21.13 9.58
C ASN B 350 12.46 -19.72 9.22
N ASN B 351 12.36 -19.46 7.92
CA ASN B 351 11.71 -18.23 7.47
C ASN B 351 10.34 -18.57 6.90
N TYR B 352 9.48 -17.55 6.87
CA TYR B 352 8.13 -17.68 6.32
C TYR B 352 7.99 -16.72 5.14
N TYR B 353 7.84 -17.29 3.95
CA TYR B 353 7.59 -16.53 2.73
C TYR B 353 6.08 -16.48 2.48
N GLU B 354 5.57 -15.30 2.15
CA GLU B 354 4.14 -15.11 1.94
C GLU B 354 3.89 -14.09 0.84
N ASN B 355 3.28 -14.53 -0.26
CA ASN B 355 3.00 -13.62 -1.38
C ASN B 355 2.03 -14.30 -2.32
N THR B 356 1.72 -13.62 -3.42
CA THR B 356 1.00 -14.20 -4.52
C THR B 356 1.76 -13.96 -5.82
N ARG B 357 1.60 -14.89 -6.76
CA ARG B 357 2.11 -14.71 -8.11
C ARG B 357 1.20 -13.83 -8.99
N ASP B 358 -0.01 -13.54 -8.52
CA ASP B 358 -0.95 -12.78 -9.35
C ASP B 358 -0.35 -11.49 -9.89
N ALA B 359 -0.40 -11.32 -11.22
CA ALA B 359 0.26 -10.22 -11.88
C ALA B 359 -0.32 -8.86 -11.53
N SER B 360 -1.52 -8.83 -10.95
CA SER B 360 -2.15 -7.56 -10.60
C SER B 360 -1.92 -7.16 -9.14
N ALA B 361 -1.21 -8.01 -8.39
CA ALA B 361 -0.90 -7.73 -6.99
C ALA B 361 0.09 -6.58 -6.83
N ASP B 362 0.22 -6.09 -5.60
CA ASP B 362 1.08 -4.94 -5.35
C ASP B 362 2.55 -5.23 -5.70
N TYR B 363 3.04 -6.40 -5.29
CA TYR B 363 4.44 -6.80 -5.53
C TYR B 363 4.42 -8.29 -5.93
N PRO B 364 3.96 -8.57 -7.15
CA PRO B 364 3.80 -9.98 -7.55
C PRO B 364 5.08 -10.78 -7.45
N TRP B 365 5.01 -11.99 -6.90
CA TRP B 365 6.19 -12.83 -6.76
C TRP B 365 6.78 -13.16 -8.13
N LEU B 366 8.08 -12.93 -8.27
CA LEU B 366 8.83 -13.31 -9.47
C LEU B 366 9.83 -14.44 -9.20
N ALA B 367 10.50 -14.41 -8.06
CA ALA B 367 11.51 -15.41 -7.74
C ALA B 367 11.71 -15.42 -6.23
N GLY B 368 12.14 -16.57 -5.72
CA GLY B 368 12.41 -16.70 -4.30
C GLY B 368 13.90 -16.63 -4.04
N MET B 369 14.49 -17.80 -3.79
CA MET B 369 15.93 -17.93 -3.60
C MET B 369 16.56 -18.13 -4.96
N THR B 370 17.62 -17.40 -5.24
CA THR B 370 18.36 -17.58 -6.47
C THR B 370 19.79 -17.97 -6.15
N LEU B 371 20.17 -19.16 -6.63
CA LEU B 371 21.58 -19.57 -6.61
C LEU B 371 22.29 -18.87 -7.76
N GLY B 372 22.97 -17.79 -7.43
CA GLY B 372 23.78 -17.06 -8.37
C GLY B 372 25.20 -17.53 -8.40
N GLN B 373 26.05 -16.74 -9.06
CA GLN B 373 27.41 -17.16 -9.42
C GLN B 373 28.23 -17.51 -8.17
N SER B 374 28.61 -18.79 -8.05
CA SER B 374 29.43 -19.29 -6.94
C SER B 374 28.76 -19.13 -5.57
N GLY B 375 27.46 -18.89 -5.56
CA GLY B 375 26.72 -18.89 -4.30
C GLY B 375 26.70 -20.27 -3.67
N LYS B 376 26.56 -20.32 -2.35
CA LYS B 376 26.51 -21.60 -1.65
C LYS B 376 25.38 -21.52 -0.64
N VAL B 377 24.20 -21.98 -1.05
CA VAL B 377 22.98 -21.75 -0.30
C VAL B 377 22.58 -23.00 0.46
N HIS B 378 22.20 -22.82 1.72
CA HIS B 378 21.78 -23.93 2.57
C HIS B 378 20.47 -23.51 3.21
N ALA B 379 19.39 -24.22 2.86
CA ALA B 379 18.04 -23.84 3.30
C ALA B 379 17.39 -24.96 4.13
N GLU B 380 16.88 -24.62 5.32
CA GLU B 380 16.30 -25.62 6.22
C GLU B 380 14.99 -25.16 6.83
N ASN B 381 13.95 -25.98 6.71
CA ASN B 381 12.69 -25.76 7.41
C ASN B 381 12.12 -24.36 7.19
N ASN B 382 12.10 -23.95 5.93
CA ASN B 382 11.40 -22.75 5.52
C ASN B 382 10.00 -23.09 5.05
N VAL B 383 9.06 -22.18 5.33
CA VAL B 383 7.68 -22.38 4.89
CA VAL B 383 7.66 -22.35 4.94
C VAL B 383 7.29 -21.28 3.91
N VAL B 384 6.63 -21.68 2.84
CA VAL B 384 6.22 -20.78 1.80
C VAL B 384 4.71 -20.89 1.58
N SER B 385 4.02 -19.75 1.66
CA SER B 385 2.64 -19.64 1.24
CA SER B 385 2.63 -19.64 1.25
C SER B 385 2.63 -18.77 0.01
N LEU B 386 2.45 -19.37 -1.15
CA LEU B 386 2.50 -18.65 -2.41
C LEU B 386 1.23 -18.87 -3.21
N ALA B 387 0.38 -17.86 -3.20
CA ALA B 387 -0.90 -17.91 -3.89
C ALA B 387 -0.70 -17.62 -5.37
N GLY B 388 -1.75 -17.77 -6.15
CA GLY B 388 -1.66 -17.39 -7.54
C GLY B 388 -2.76 -18.02 -8.37
N PRO B 389 -3.01 -17.44 -9.54
CA PRO B 389 -4.06 -17.95 -10.44
C PRO B 389 -3.56 -19.12 -11.28
N ASP B 390 -4.51 -19.81 -11.91
CA ASP B 390 -4.25 -20.78 -12.98
C ASP B 390 -3.77 -22.16 -12.53
N ARG B 391 -2.80 -22.18 -11.63
CA ARG B 391 -2.14 -23.43 -11.27
C ARG B 391 -1.66 -23.36 -9.83
N PRO B 392 -1.41 -24.53 -9.21
CA PRO B 392 -0.77 -24.53 -7.91
C PRO B 392 0.66 -23.98 -8.01
N ALA B 393 1.16 -23.50 -6.88
CA ALA B 393 2.57 -23.14 -6.81
C ALA B 393 3.40 -24.40 -7.02
N ARG B 394 4.64 -24.23 -7.47
CA ARG B 394 5.54 -25.37 -7.65
C ARG B 394 6.94 -25.00 -7.18
N PRO B 395 7.78 -26.02 -6.88
CA PRO B 395 9.12 -25.72 -6.35
C PRO B 395 9.94 -24.79 -7.25
N ALA B 396 9.77 -24.86 -8.56
CA ALA B 396 10.52 -24.00 -9.46
C ALA B 396 10.13 -22.52 -9.32
N ASP B 397 9.01 -22.23 -8.66
CA ASP B 397 8.63 -20.85 -8.36
C ASP B 397 9.52 -20.29 -7.27
N VAL B 398 10.09 -21.17 -6.44
CA VAL B 398 10.67 -20.76 -5.16
C VAL B 398 12.19 -20.73 -5.16
N ALA B 399 12.81 -21.52 -6.03
CA ALA B 399 14.26 -21.49 -6.15
C ALA B 399 14.66 -21.66 -7.61
N ASN B 400 15.71 -20.96 -8.01
CA ASN B 400 16.25 -21.05 -9.36
C ASN B 400 17.74 -20.76 -9.34
N ALA B 401 18.37 -20.74 -10.50
CA ALA B 401 19.81 -20.59 -10.59
C ALA B 401 20.19 -19.66 -11.73
N ARG B 402 21.27 -18.92 -11.53
CA ARG B 402 21.82 -18.05 -12.56
C ARG B 402 23.34 -18.21 -12.48
N ILE B 403 23.88 -19.11 -13.29
CA ILE B 403 25.29 -19.49 -13.20
C ILE B 403 25.89 -19.49 -14.60
N SER B 404 27.11 -18.95 -14.72
CA SER B 404 27.87 -18.90 -15.96
C SER B 404 29.11 -19.78 -15.86
N ALA B 405 29.24 -20.72 -16.79
CA ALA B 405 30.40 -21.60 -16.81
C ALA B 405 31.67 -20.79 -17.05
N ALA B 406 31.59 -19.77 -17.88
CA ALA B 406 32.76 -18.94 -18.18
C ALA B 406 33.26 -18.22 -16.94
N ARG B 407 32.34 -17.66 -16.16
CA ARG B 407 32.75 -16.97 -14.95
CA ARG B 407 32.73 -16.98 -14.92
C ARG B 407 33.32 -17.95 -13.92
N THR B 408 32.78 -19.17 -13.88
CA THR B 408 33.32 -20.21 -12.99
C THR B 408 34.77 -20.51 -13.33
N GLN B 409 35.05 -20.58 -14.63
CA GLN B 409 36.43 -20.81 -15.09
C GLN B 409 37.33 -19.64 -14.68
N ASP B 410 36.86 -18.41 -14.85
CA ASP B 410 37.64 -17.25 -14.43
C ASP B 410 37.89 -17.28 -12.93
N CYS B 411 36.87 -17.69 -12.19
CA CYS B 411 36.95 -17.79 -10.74
C CYS B 411 38.07 -18.75 -10.31
N ALA B 412 38.14 -19.89 -10.99
CA ALA B 412 39.08 -20.94 -10.59
C ALA B 412 40.54 -20.48 -10.72
N ALA B 413 40.76 -19.46 -11.54
CA ALA B 413 42.10 -18.89 -11.69
C ALA B 413 42.49 -18.01 -10.50
N LEU B 414 41.50 -17.45 -9.80
CA LEU B 414 41.76 -16.51 -8.72
C LEU B 414 41.56 -17.16 -7.36
N PHE B 415 40.67 -18.14 -7.32
CA PHE B 415 40.30 -18.85 -6.10
C PHE B 415 40.25 -20.33 -6.44
N SER B 416 39.92 -21.18 -5.48
CA SER B 416 40.00 -22.62 -5.71
C SER B 416 38.73 -23.16 -6.36
N ALA B 417 38.78 -24.39 -6.84
CA ALA B 417 37.63 -25.04 -7.45
C ALA B 417 36.47 -25.11 -6.46
N SER B 418 36.77 -25.50 -5.23
CA SER B 418 35.73 -25.58 -4.21
C SER B 418 35.16 -24.20 -3.88
N GLU B 419 36.02 -23.20 -3.82
CA GLU B 419 35.57 -21.84 -3.51
C GLU B 419 34.70 -21.29 -4.63
N CYS B 420 34.91 -21.77 -5.85
CA CYS B 420 34.16 -21.28 -7.01
C CYS B 420 32.90 -22.06 -7.33
N ALA B 421 32.65 -23.14 -6.61
CA ALA B 421 31.46 -23.94 -6.88
C ALA B 421 30.21 -23.14 -6.52
N SER B 422 29.15 -23.41 -7.27
CA SER B 422 27.81 -22.88 -7.01
C SER B 422 26.99 -24.04 -6.50
N THR B 423 26.54 -23.97 -5.25
CA THR B 423 25.91 -25.13 -4.62
C THR B 423 24.63 -24.76 -3.89
N PHE B 424 23.72 -25.73 -3.79
CA PHE B 424 22.44 -25.53 -3.15
C PHE B 424 22.01 -26.77 -2.39
N TYR B 425 21.54 -26.58 -1.16
CA TYR B 425 21.00 -27.65 -0.34
C TYR B 425 19.66 -27.18 0.23
N ASP B 426 18.65 -28.04 0.27
CA ASP B 426 17.51 -27.74 1.11
C ASP B 426 16.97 -28.98 1.81
N SER B 427 16.33 -28.76 2.96
CA SER B 427 15.62 -29.78 3.69
CA SER B 427 15.57 -29.79 3.61
C SER B 427 14.42 -29.16 4.37
N GLY B 428 13.32 -29.90 4.49
CA GLY B 428 12.18 -29.47 5.26
C GLY B 428 11.38 -28.32 4.66
N THR B 429 11.59 -28.02 3.37
CA THR B 429 10.84 -26.93 2.76
C THR B 429 9.37 -27.32 2.62
N VAL B 430 8.49 -26.41 3.02
CA VAL B 430 7.06 -26.62 2.89
C VAL B 430 6.50 -25.54 1.96
N LEU B 431 5.73 -25.96 0.96
CA LEU B 431 5.12 -25.05 0.00
C LEU B 431 3.63 -25.32 -0.02
N ASN B 432 2.84 -24.34 0.38
CA ASN B 432 1.38 -24.47 0.39
C ASN B 432 0.94 -25.76 1.06
N GLY B 433 1.56 -26.05 2.20
CA GLY B 433 1.17 -27.18 3.00
C GLY B 433 1.79 -28.54 2.66
N GLY B 434 2.60 -28.62 1.61
CA GLY B 434 3.20 -29.90 1.24
C GLY B 434 4.71 -29.78 1.06
N PRO B 435 5.41 -30.91 1.03
CA PRO B 435 6.87 -30.87 0.85
C PRO B 435 7.26 -30.32 -0.53
N ALA B 436 8.36 -29.58 -0.59
CA ALA B 436 8.88 -29.04 -1.85
C ALA B 436 10.38 -29.31 -1.91
N ASP B 437 10.83 -29.93 -2.98
CA ASP B 437 12.25 -30.23 -3.16
C ASP B 437 12.88 -29.09 -3.95
N LEU B 438 13.42 -28.09 -3.25
CA LEU B 438 13.96 -26.94 -3.94
C LEU B 438 15.23 -27.29 -4.69
N THR B 439 15.99 -28.25 -4.16
CA THR B 439 17.23 -28.67 -4.80
C THR B 439 16.99 -29.22 -6.22
N ALA B 440 15.95 -30.05 -6.36
CA ALA B 440 15.59 -30.55 -7.69
C ALA B 440 15.25 -29.40 -8.64
N ALA B 441 14.55 -28.39 -8.13
CA ALA B 441 14.22 -27.23 -8.94
C ALA B 441 15.47 -26.46 -9.38
N VAL B 442 16.42 -26.33 -8.48
CA VAL B 442 17.67 -25.64 -8.80
C VAL B 442 18.48 -26.40 -9.83
N ARG B 443 18.53 -27.73 -9.69
CA ARG B 443 19.23 -28.56 -10.67
C ARG B 443 18.60 -28.44 -12.05
N TRP B 444 17.27 -28.40 -12.10
CA TRP B 444 16.57 -28.22 -13.36
C TRP B 444 16.88 -26.86 -13.96
N SER B 445 17.01 -25.85 -13.10
CA SER B 445 17.30 -24.51 -13.57
C SER B 445 18.70 -24.42 -14.16
N SER B 446 19.67 -25.10 -13.53
CA SER B 446 21.03 -25.14 -14.07
C SER B 446 21.77 -26.41 -13.72
N ALA B 447 22.25 -27.11 -14.75
CA ALA B 447 23.08 -28.29 -14.58
C ALA B 447 24.46 -27.92 -14.02
N LEU B 448 24.77 -26.63 -13.99
CA LEU B 448 26.06 -26.16 -13.47
C LEU B 448 26.10 -26.15 -11.94
N ALA B 449 24.94 -26.21 -11.29
CA ALA B 449 24.89 -26.30 -9.84
C ALA B 449 25.53 -27.62 -9.39
N ALA B 450 26.37 -27.54 -8.36
CA ALA B 450 27.19 -28.67 -7.94
C ALA B 450 26.87 -29.11 -6.53
N ALA B 451 27.43 -30.25 -6.12
CA ALA B 451 27.19 -30.76 -4.77
C ALA B 451 27.73 -29.83 -3.69
N PRO B 452 26.90 -29.53 -2.69
CA PRO B 452 27.34 -28.75 -1.53
C PRO B 452 28.55 -29.37 -0.85
N ALA B 453 29.44 -28.52 -0.35
CA ALA B 453 30.63 -28.95 0.37
C ALA B 453 30.82 -28.13 1.64
N TRP B 454 29.76 -27.48 2.13
CA TRP B 454 29.80 -26.84 3.43
C TRP B 454 28.47 -27.08 4.11
N LYS B 455 28.43 -26.92 5.43
CA LYS B 455 27.19 -26.86 6.15
C LYS B 455 27.34 -25.94 7.34
N PRO B 456 26.27 -25.22 7.66
CA PRO B 456 26.42 -24.18 8.67
C PRO B 456 26.71 -24.74 10.06
N SER B 457 26.29 -25.97 10.38
CA SER B 457 26.56 -26.54 11.70
C SER B 457 28.06 -26.69 11.99
N ASP B 458 28.88 -26.69 10.95
CA ASP B 458 30.32 -26.73 11.12
C ASP B 458 30.88 -25.37 11.52
N PHE B 459 30.04 -24.34 11.51
CA PHE B 459 30.49 -22.96 11.75
C PHE B 459 29.78 -22.26 12.91
N TYR B 460 28.57 -22.69 13.22
CA TYR B 460 27.87 -22.17 14.41
C TYR B 460 26.75 -23.13 14.78
N ASP B 461 26.38 -23.13 16.06
CA ASP B 461 25.25 -23.89 16.52
C ASP B 461 23.97 -23.07 16.33
N TYR B 462 22.84 -23.76 16.28
CA TYR B 462 21.55 -23.11 16.09
C TYR B 462 20.49 -24.11 16.49
N THR B 463 19.23 -23.67 16.44
CA THR B 463 18.08 -24.56 16.66
C THR B 463 17.14 -24.49 15.49
N LEU B 464 16.77 -25.65 14.97
CA LEU B 464 15.75 -25.69 13.93
C LEU B 464 14.38 -25.94 14.52
N GLU B 465 13.47 -25.00 14.32
CA GLU B 465 12.08 -25.23 14.72
C GLU B 465 11.37 -26.07 13.69
N ASP B 466 10.33 -26.76 14.15
CA ASP B 466 9.47 -27.50 13.26
C ASP B 466 8.68 -26.53 12.40
N THR B 467 8.30 -26.97 11.22
CA THR B 467 7.55 -26.11 10.30
C THR B 467 6.05 -26.02 10.58
N ALA B 468 5.48 -26.98 11.32
CA ALA B 468 4.02 -27.05 11.44
C ALA B 468 3.29 -25.74 11.77
N ASP B 469 3.73 -25.05 12.79
CA ASP B 469 3.05 -23.81 13.18
C ASP B 469 3.98 -22.62 13.05
N LEU B 470 5.01 -22.76 12.23
CA LEU B 470 6.04 -21.73 12.10
C LEU B 470 5.50 -20.42 11.56
N ALA B 471 4.60 -20.48 10.58
CA ALA B 471 4.08 -19.26 9.98
C ALA B 471 3.37 -18.42 11.04
N ALA B 472 2.53 -19.06 11.85
CA ALA B 472 1.83 -18.36 12.91
C ALA B 472 2.80 -17.80 13.94
N ARG B 473 3.81 -18.58 14.32
CA ARG B 473 4.76 -18.12 15.32
CA ARG B 473 4.74 -18.12 15.33
C ARG B 473 5.53 -16.91 14.83
N ILE B 474 6.01 -16.97 13.59
CA ILE B 474 6.74 -15.85 13.01
C ILE B 474 5.87 -14.60 12.89
N THR B 475 4.64 -14.78 12.43
CA THR B 475 3.73 -13.64 12.27
C THR B 475 3.51 -12.94 13.62
N ALA B 476 3.48 -13.70 14.70
CA ALA B 476 3.22 -13.13 16.02
C ALA B 476 4.43 -12.46 16.67
N ARG B 477 5.63 -12.90 16.32
CA ARG B 477 6.82 -12.49 17.07
C ARG B 477 7.86 -11.66 16.29
N ALA B 478 7.78 -11.68 14.96
CA ALA B 478 8.81 -11.04 14.14
C ALA B 478 8.59 -9.54 13.92
N GLY B 479 9.68 -8.85 13.62
CA GLY B 479 9.60 -7.44 13.26
C GLY B 479 9.75 -6.48 14.43
N ALA B 480 9.65 -5.20 14.11
CA ALA B 480 9.68 -4.14 15.12
C ALA B 480 8.40 -4.13 15.94
N GLY B 481 8.47 -3.55 17.14
CA GLY B 481 7.32 -3.39 17.99
C GLY B 481 6.85 -4.67 18.67
N LYS B 482 7.74 -5.65 18.78
CA LYS B 482 7.46 -6.92 19.43
C LYS B 482 8.28 -7.08 20.71
N LEU B 483 9.54 -6.65 20.66
CA LEU B 483 10.45 -6.81 21.80
C LEU B 483 10.07 -5.90 22.96
N GLU B 484 9.47 -4.76 22.64
CA GLU B 484 9.09 -3.78 23.67
C GLU B 484 7.66 -3.35 23.45
N GLY B 485 7.03 -2.90 24.54
CA GLY B 485 5.72 -2.31 24.44
C GLY B 485 5.83 -0.82 24.16
N PRO B 486 4.69 -0.15 23.97
CA PRO B 486 4.74 1.27 23.62
C PRO B 486 5.33 2.16 24.73
N ALA B 487 5.99 3.22 24.33
CA ALA B 487 6.54 4.22 25.25
C ALA B 487 5.44 5.03 25.93
#